data_7U6F
#
_entry.id   7U6F
#
_cell.length_a   1.00
_cell.length_b   1.00
_cell.length_c   1.00
_cell.angle_alpha   90.00
_cell.angle_beta   90.00
_cell.angle_gamma   90.00
#
_symmetry.space_group_name_H-M   'P 1'
#
loop_
_entity.id
_entity.type
_entity.pdbx_description
1 polymer 'Vacuolar protein sorting-associated protein 35'
2 polymer 'Vacuolar protein sorting-associated protein 26A'
3 polymer 'Vacuolar protein sorting-associated protein 29'
4 non-polymer GLYCEROL
5 non-polymer 'SULFATE ION'
6 non-polymer 1,2-ETHANEDIOL
7 water water
#
loop_
_entity_poly.entity_id
_entity_poly.type
_entity_poly.pdbx_seq_one_letter_code
_entity_poly.pdbx_strand_id
1 'polypeptide(L)'
;MPTTQQSPQDEQEKLLDEAIQAVKVQSFQMKRCLDKNKLMDALKHASNMLGELRTSMLSPKSYYELYMAISDELHYLEVY
LTDEFAKGRKVADLYELVQYAGNIIPRLYLLITVGVVYVKSFPQSRKDILKDLVEMCRGVQHPLRGLFLRNYLLQCTRNI
LPDEGEPTDEETTGDISDSMDFVLLNFAEMNKLWVRMQHQGHSRDREKRERERQELRILVGTNLVRLSQLEGVNVERYKQ
IVLTGILEQVVNCRDALAQEYLMECIIQVFPDEFHLQTLNPFLRACAELHQNVNVKNIIIALIDRLALFAHREDGPGIPA
EIKLFDIFSQQVATVIQSRQDMPSEDVVSLQVSLINLAMKCYPDRVDYVDKVLETTVEIFNKLNLEHIATSSAVSKELTR
LLKIPVDTYNNILTVLKLKHFHPLFEYFDYESRKSMSCYVLSNVLDYNTEIVSQDQVDSIMNLVSTLIQDQPDQPVEDPD
PEDFADEQSLVGRFIHLLRSDDPDQQYLILNTARKHFGAGGNQRIRFTLPPLVFAAYQLAFRYKENSQMDDKWEKKCQKI
FSFAHQTISALIKAELAELPLRLFLQGALAAGEIGFENHETVAYEFMSQAFSLYEDEISDSKAQLAAITLIIGTFERMKC
FSEENHEPLRTQCALAASKLLKKPDQGRAVSTCAHLFWSGRNTDKNGEELHGGKRVMECLKKALKIANQCMDPSLQVQLF
IEILNRYIYFYEKENDAVTIQVLNQLIQKIREDLPNLESSEETEQINKHFHNTLEHLRSRRESPESEGPIYEGLIL
;
D1
2 'polypeptide(L)'
;MSFLGGFFGPICEIDVALNDGETRKMAEMKTEDGKVEKHYLFYDGESVSGKVNLAFKQPGKRLEHQGIRIEFVGQIELFN
DKSNTHEFVNLVKELALPGELTQSRSYDFEFMQVEKPYESYIGANVRLRYFLKVTIVRRLTDLVKEYDLIVHQLATYPDV
NNSIKMEVGIEDCLHIEFEYNKSKYHLKDVIVGKIYFLLVRIKIQHMELQLIKKEITGIGPSTTTETETIAKYEIMDGAP
VKGESIPIRLFLAGYDPTPTMRDVNKKFSVRYFLNLVLVDEEDRRYFKQQEIILWRKAPEKLRKQRTNFHQRFESPDSQA
SAEQPEM
;
B3
3 'polypeptide(L)'
;MLVLVLGDLHIPHRCNSLPAKFKKLLVPGKIQHILCTGNLCTKESYDYLKTLAGDVHIVRGDFDENLNYPEQKVVTVGQF
KIGLIHGHQVIPWGDMASLALLQRQFDVDILISGHTHKFEAFEHENKFYINPGSATGAYNALETNIIPSFVLMDIQASTV
VTYVYQLIGDDVKVERIEYKKS
;
B4
#
# COMPACT_ATOMS: atom_id res chain seq x y z
N GLU A 13 2.73 -1.32 -37.90
CA GLU A 13 1.53 -0.83 -37.23
C GLU A 13 0.93 0.37 -37.99
N LYS A 14 1.43 0.61 -39.20
CA LYS A 14 0.87 1.66 -40.03
C LYS A 14 -0.56 1.34 -40.46
N LEU A 15 -0.96 0.07 -40.38
CA LEU A 15 -2.36 -0.29 -40.60
C LEU A 15 -3.26 0.49 -39.68
N LEU A 16 -2.80 0.77 -38.46
CA LEU A 16 -3.56 1.57 -37.53
C LEU A 16 -3.71 3.01 -38.04
N ASP A 17 -2.63 3.60 -38.53
CA ASP A 17 -2.68 4.99 -38.97
C ASP A 17 -3.66 5.19 -40.12
N GLU A 18 -3.60 4.30 -41.12
CA GLU A 18 -4.59 4.35 -42.21
C GLU A 18 -5.98 3.99 -41.72
N ALA A 19 -6.08 3.26 -40.60
CA ALA A 19 -7.39 2.94 -40.04
C ALA A 19 -8.10 4.19 -39.54
N ILE A 20 -7.52 4.91 -38.58
CA ILE A 20 -8.15 6.13 -38.06
C ILE A 20 -8.29 7.15 -39.19
N GLN A 21 -7.40 7.09 -40.18
CA GLN A 21 -7.52 7.95 -41.35
C GLN A 21 -8.89 7.81 -42.00
N ALA A 22 -9.24 6.60 -42.41
CA ALA A 22 -10.56 6.37 -43.00
C ALA A 22 -11.66 6.62 -41.96
N VAL A 23 -11.30 6.65 -40.67
CA VAL A 23 -12.27 6.93 -39.63
C VAL A 23 -12.73 8.40 -39.68
N LYS A 24 -11.77 9.34 -39.66
CA LYS A 24 -12.20 10.75 -39.68
C LYS A 24 -12.95 11.06 -40.97
N VAL A 25 -12.48 10.52 -42.10
CA VAL A 25 -13.08 10.83 -43.39
C VAL A 25 -14.57 10.51 -43.36
N GLN A 26 -14.93 9.35 -42.82
CA GLN A 26 -16.33 9.04 -42.64
C GLN A 26 -16.92 9.73 -41.40
N SER A 27 -16.06 10.09 -40.44
CA SER A 27 -16.54 10.83 -39.28
C SER A 27 -17.05 12.21 -39.65
N PHE A 28 -16.39 12.88 -40.59
CA PHE A 28 -16.77 14.25 -40.91
C PHE A 28 -17.74 14.29 -42.08
N GLN A 29 -17.86 13.19 -42.83
CA GLN A 29 -18.89 13.11 -43.85
C GLN A 29 -20.22 12.65 -43.28
N MET A 30 -20.22 11.94 -42.15
CA MET A 30 -21.48 11.62 -41.50
C MET A 30 -22.04 12.86 -40.81
N LYS A 31 -21.18 13.62 -40.13
CA LYS A 31 -21.61 14.90 -39.57
C LYS A 31 -22.02 15.86 -40.68
N ARG A 32 -21.46 15.71 -41.86
CA ARG A 32 -21.89 16.45 -43.04
C ARG A 32 -23.37 16.20 -43.31
N CYS A 33 -23.75 14.93 -43.36
CA CYS A 33 -25.15 14.59 -43.63
C CYS A 33 -26.01 14.76 -42.38
N LEU A 34 -25.41 14.71 -41.19
CA LEU A 34 -26.17 14.99 -39.97
C LEU A 34 -26.72 16.40 -39.98
N ASP A 35 -25.87 17.39 -40.26
CA ASP A 35 -26.33 18.78 -40.28
C ASP A 35 -27.36 19.00 -41.39
N LYS A 36 -27.30 18.20 -42.45
CA LYS A 36 -28.27 18.27 -43.54
C LYS A 36 -29.53 17.48 -43.26
N ASN A 37 -29.67 16.95 -42.04
CA ASN A 37 -30.82 16.13 -41.65
C ASN A 37 -30.93 14.88 -42.52
N LYS A 38 -29.78 14.41 -43.04
CA LYS A 38 -29.72 13.17 -43.81
C LYS A 38 -29.28 12.02 -42.92
N LEU A 39 -30.18 11.64 -42.00
CA LEU A 39 -29.85 10.64 -40.99
C LEU A 39 -29.49 9.30 -41.61
N MET A 40 -30.27 8.88 -42.62
CA MET A 40 -30.08 7.56 -43.20
C MET A 40 -28.71 7.42 -43.85
N ASP A 41 -28.35 8.38 -44.71
CA ASP A 41 -27.06 8.32 -45.39
C ASP A 41 -25.90 8.74 -44.50
N ALA A 42 -26.17 9.46 -43.40
CA ALA A 42 -25.10 9.75 -42.45
C ALA A 42 -24.68 8.48 -41.72
N LEU A 43 -25.65 7.66 -41.31
CA LEU A 43 -25.31 6.35 -40.75
C LEU A 43 -24.68 5.46 -41.80
N LYS A 44 -24.97 5.70 -43.08
CA LYS A 44 -24.27 5.00 -44.15
C LYS A 44 -22.78 5.33 -44.12
N HIS A 45 -22.44 6.60 -43.90
CA HIS A 45 -21.04 6.95 -43.67
C HIS A 45 -20.50 6.24 -42.44
N ALA A 46 -21.30 6.17 -41.38
CA ALA A 46 -20.88 5.45 -40.19
C ALA A 46 -20.80 3.95 -40.44
N SER A 47 -21.59 3.43 -41.38
CA SER A 47 -21.53 1.99 -41.67
C SER A 47 -20.28 1.63 -42.44
N ASN A 48 -19.88 2.49 -43.38
CA ASN A 48 -18.59 2.31 -44.05
C ASN A 48 -17.44 2.61 -43.10
N MET A 49 -17.77 3.05 -41.89
CA MET A 49 -16.79 3.54 -40.94
C MET A 49 -16.50 2.52 -39.85
N LEU A 50 -17.55 1.97 -39.25
CA LEU A 50 -17.39 1.02 -38.16
C LEU A 50 -16.86 -0.32 -38.64
N GLY A 51 -16.78 -0.51 -39.95
CA GLY A 51 -16.20 -1.71 -40.53
C GLY A 51 -14.69 -1.70 -40.47
N GLU A 52 -14.12 -0.67 -39.86
CA GLU A 52 -12.70 -0.71 -39.54
C GLU A 52 -12.45 -1.57 -38.31
N LEU A 53 -13.46 -1.72 -37.45
CA LEU A 53 -13.37 -2.61 -36.31
C LEU A 53 -13.38 -4.06 -36.76
N ARG A 54 -13.71 -4.28 -38.04
CA ARG A 54 -13.70 -5.61 -38.63
C ARG A 54 -12.32 -6.25 -38.55
N THR A 55 -11.26 -5.44 -38.59
CA THR A 55 -9.91 -5.99 -38.58
C THR A 55 -9.55 -6.55 -37.21
N SER A 56 -8.57 -7.46 -37.22
CA SER A 56 -7.96 -7.99 -36.01
C SER A 56 -6.44 -7.93 -36.13
N MET A 57 -5.95 -7.15 -37.10
CA MET A 57 -4.52 -7.01 -37.36
C MET A 57 -3.85 -5.99 -36.46
N LEU A 58 -4.62 -5.27 -35.64
CA LEU A 58 -4.08 -4.21 -34.80
C LEU A 58 -3.70 -4.74 -33.41
N SER A 59 -2.75 -4.07 -32.79
CA SER A 59 -2.40 -4.37 -31.42
C SER A 59 -3.55 -3.98 -30.49
N PRO A 60 -3.72 -4.68 -29.37
CA PRO A 60 -4.78 -4.29 -28.42
C PRO A 60 -4.66 -2.85 -27.95
N LYS A 61 -3.44 -2.35 -27.70
CA LYS A 61 -3.29 -0.91 -27.48
C LYS A 61 -3.67 -0.12 -28.71
N SER A 62 -3.17 -0.54 -29.87
CA SER A 62 -3.52 0.09 -31.14
C SER A 62 -5.02 0.11 -31.35
N TYR A 63 -5.68 -1.04 -31.13
CA TYR A 63 -7.13 -1.09 -31.24
C TYR A 63 -7.81 -0.26 -30.14
N TYR A 64 -7.21 -0.23 -28.95
CA TYR A 64 -7.81 0.53 -27.85
C TYR A 64 -7.85 2.02 -28.16
N GLU A 65 -6.77 2.56 -28.71
CA GLU A 65 -6.73 3.99 -29.02
C GLU A 65 -7.75 4.34 -30.09
N LEU A 66 -7.86 3.51 -31.13
CA LEU A 66 -8.92 3.69 -32.12
C LEU A 66 -10.29 3.54 -31.50
N TYR A 67 -10.47 2.60 -30.58
CA TYR A 67 -11.77 2.38 -29.95
C TYR A 67 -12.21 3.62 -29.17
N MET A 68 -11.30 4.21 -28.40
CA MET A 68 -11.60 5.48 -27.74
C MET A 68 -11.86 6.58 -28.77
N ALA A 69 -11.10 6.59 -29.86
CA ALA A 69 -11.37 7.54 -30.93
C ALA A 69 -12.77 7.34 -31.49
N ILE A 70 -13.17 6.08 -31.65
CA ILE A 70 -14.52 5.80 -32.17
C ILE A 70 -15.58 6.09 -31.11
N SER A 71 -15.29 5.84 -29.84
CA SER A 71 -16.31 6.00 -28.80
C SER A 71 -16.73 7.46 -28.66
N ASP A 72 -15.84 8.39 -29.01
CA ASP A 72 -16.15 9.81 -28.84
C ASP A 72 -16.76 10.39 -30.10
N GLU A 73 -16.53 9.76 -31.25
CA GLU A 73 -17.05 10.28 -32.52
C GLU A 73 -18.46 9.79 -32.77
N LEU A 74 -18.77 8.56 -32.36
CA LEU A 74 -20.17 8.15 -32.28
C LEU A 74 -20.90 8.89 -31.17
N HIS A 75 -20.16 9.41 -30.18
CA HIS A 75 -20.77 10.28 -29.19
C HIS A 75 -21.32 11.55 -29.84
N TYR A 76 -20.59 12.11 -30.81
CA TYR A 76 -21.14 13.20 -31.61
C TYR A 76 -22.34 12.72 -32.41
N LEU A 77 -22.25 11.51 -32.96
CA LEU A 77 -23.42 10.89 -33.57
C LEU A 77 -24.49 10.64 -32.53
N GLU A 78 -24.10 10.36 -31.28
CA GLU A 78 -25.06 10.16 -30.22
C GLU A 78 -25.77 11.46 -29.85
N VAL A 79 -25.01 12.55 -29.68
CA VAL A 79 -25.65 13.82 -29.33
C VAL A 79 -26.54 14.30 -30.47
N TYR A 80 -26.22 13.94 -31.71
CA TYR A 80 -27.14 14.20 -32.81
C TYR A 80 -28.41 13.36 -32.65
N LEU A 81 -28.26 12.06 -32.43
CA LEU A 81 -29.43 11.22 -32.24
C LEU A 81 -30.14 11.54 -30.94
N THR A 82 -29.43 12.13 -29.97
CA THR A 82 -30.07 12.52 -28.72
C THR A 82 -30.99 13.72 -28.93
N ASP A 83 -30.51 14.78 -29.60
CA ASP A 83 -31.32 15.97 -29.75
C ASP A 83 -32.47 15.73 -30.72
N GLU A 84 -32.31 14.77 -31.64
CA GLU A 84 -33.43 14.33 -32.45
C GLU A 84 -34.58 13.82 -31.59
N PHE A 85 -34.31 12.80 -30.78
CA PHE A 85 -35.36 12.13 -30.02
C PHE A 85 -35.82 12.95 -28.83
N ALA A 86 -34.89 13.66 -28.17
CA ALA A 86 -35.23 14.36 -26.93
C ALA A 86 -36.29 15.44 -27.16
N LYS A 87 -36.25 16.14 -28.29
CA LYS A 87 -37.21 17.19 -28.57
C LYS A 87 -38.39 16.71 -29.40
N GLY A 88 -38.49 15.42 -29.68
CA GLY A 88 -39.62 14.87 -30.41
C GLY A 88 -39.36 14.52 -31.86
N ARG A 89 -38.24 14.98 -32.44
CA ARG A 89 -37.90 14.65 -33.82
C ARG A 89 -37.30 13.24 -33.88
N LYS A 90 -38.12 12.27 -33.48
CA LYS A 90 -37.68 10.87 -33.37
C LYS A 90 -38.04 10.16 -34.67
N VAL A 91 -37.01 9.76 -35.42
CA VAL A 91 -37.25 8.92 -36.60
C VAL A 91 -37.47 7.49 -36.14
N ALA A 92 -38.66 6.96 -36.41
CA ALA A 92 -39.05 5.66 -35.89
C ALA A 92 -38.32 4.53 -36.64
N ASP A 93 -38.50 3.31 -36.11
CA ASP A 93 -37.99 2.08 -36.69
C ASP A 93 -36.47 1.97 -36.63
N LEU A 94 -35.79 2.91 -35.96
CA LEU A 94 -34.34 2.88 -35.90
C LEU A 94 -33.82 1.61 -35.22
N TYR A 95 -34.60 1.07 -34.28
CA TYR A 95 -34.23 -0.20 -33.66
C TYR A 95 -34.14 -1.30 -34.71
N GLU A 96 -34.94 -1.21 -35.77
CA GLU A 96 -34.92 -2.17 -36.86
C GLU A 96 -34.22 -1.62 -38.09
N LEU A 97 -34.23 -0.30 -38.27
CA LEU A 97 -33.62 0.30 -39.45
C LEU A 97 -32.12 0.06 -39.49
N VAL A 98 -31.49 -0.02 -38.31
CA VAL A 98 -30.04 -0.28 -38.26
C VAL A 98 -29.72 -1.72 -38.59
N GLN A 99 -30.71 -2.61 -38.65
CA GLN A 99 -30.46 -4.04 -38.79
C GLN A 99 -30.48 -4.52 -40.25
N TYR A 100 -30.28 -3.62 -41.21
CA TYR A 100 -30.21 -4.02 -42.61
C TYR A 100 -28.79 -4.24 -43.13
N ALA A 101 -27.79 -3.70 -42.46
CA ALA A 101 -26.44 -3.73 -42.99
C ALA A 101 -25.86 -5.14 -42.99
N GLY A 102 -24.84 -5.34 -43.82
CA GLY A 102 -24.15 -6.61 -43.91
C GLY A 102 -23.16 -6.83 -42.78
N ASN A 103 -22.17 -5.95 -42.68
CA ASN A 103 -21.14 -6.08 -41.65
C ASN A 103 -21.77 -6.01 -40.27
N ILE A 104 -21.40 -6.94 -39.40
CA ILE A 104 -22.06 -7.08 -38.10
C ILE A 104 -21.74 -5.89 -37.20
N ILE A 105 -20.49 -5.41 -37.25
CA ILE A 105 -20.05 -4.39 -36.28
C ILE A 105 -20.79 -3.07 -36.44
N PRO A 106 -20.86 -2.47 -37.64
CA PRO A 106 -21.61 -1.19 -37.75
C PRO A 106 -23.07 -1.33 -37.33
N ARG A 107 -23.66 -2.49 -37.62
CA ARG A 107 -25.06 -2.73 -37.29
C ARG A 107 -25.30 -2.70 -35.79
N LEU A 108 -24.41 -3.31 -35.01
CA LEU A 108 -24.59 -3.35 -33.57
C LEU A 108 -24.34 -1.99 -32.92
N TYR A 109 -23.25 -1.32 -33.27
CA TYR A 109 -22.95 -0.04 -32.62
C TYR A 109 -24.08 0.96 -32.83
N LEU A 110 -24.77 0.88 -33.97
CA LEU A 110 -25.97 1.67 -34.16
C LEU A 110 -27.11 1.16 -33.29
N LEU A 111 -27.12 -0.15 -33.00
CA LEU A 111 -28.20 -0.72 -32.20
C LEU A 111 -28.14 -0.24 -30.76
N ILE A 112 -26.95 -0.22 -30.16
CA ILE A 112 -26.81 0.37 -28.83
C ILE A 112 -27.15 1.85 -28.86
N THR A 113 -26.79 2.54 -29.95
CA THR A 113 -27.12 3.95 -30.08
C THR A 113 -28.63 4.17 -29.99
N VAL A 114 -29.39 3.38 -30.74
CA VAL A 114 -30.85 3.47 -30.66
C VAL A 114 -31.33 2.94 -29.31
N GLY A 115 -30.67 1.90 -28.79
CA GLY A 115 -31.15 1.26 -27.58
C GLY A 115 -31.14 2.17 -26.36
N VAL A 116 -30.03 2.90 -26.17
CA VAL A 116 -29.90 3.73 -24.98
C VAL A 116 -30.92 4.85 -25.00
N VAL A 117 -31.19 5.42 -26.17
CA VAL A 117 -32.21 6.45 -26.29
C VAL A 117 -33.59 5.88 -25.99
N TYR A 118 -33.87 4.66 -26.46
CA TYR A 118 -35.14 4.02 -26.18
C TYR A 118 -35.33 3.79 -24.68
N VAL A 119 -34.23 3.62 -23.94
CA VAL A 119 -34.31 3.49 -22.49
C VAL A 119 -34.71 4.82 -21.87
N LYS A 120 -34.09 5.91 -22.31
CA LYS A 120 -34.33 7.21 -21.70
C LYS A 120 -35.66 7.78 -22.16
N SER A 121 -35.89 7.83 -23.47
CA SER A 121 -37.12 8.42 -24.00
C SER A 121 -38.34 7.60 -23.60
N PHE A 122 -38.24 6.26 -23.67
CA PHE A 122 -39.34 5.38 -23.29
C PHE A 122 -38.99 4.70 -21.97
N PRO A 123 -39.49 5.19 -20.83
CA PRO A 123 -39.23 4.50 -19.55
C PRO A 123 -39.77 3.08 -19.52
N GLN A 124 -40.88 2.81 -20.20
CA GLN A 124 -41.50 1.49 -20.12
C GLN A 124 -40.67 0.42 -20.82
N SER A 125 -39.86 0.81 -21.80
CA SER A 125 -39.03 -0.15 -22.54
C SER A 125 -37.66 -0.37 -21.91
N ARG A 126 -37.53 -0.16 -20.60
CA ARG A 126 -36.21 -0.25 -19.98
C ARG A 126 -35.74 -1.69 -19.85
N LYS A 127 -36.45 -2.49 -19.05
CA LYS A 127 -35.96 -3.83 -18.71
C LYS A 127 -35.87 -4.74 -19.93
N ASP A 128 -36.85 -4.66 -20.83
CA ASP A 128 -36.88 -5.59 -21.96
C ASP A 128 -35.66 -5.43 -22.86
N ILE A 129 -35.36 -4.20 -23.28
CA ILE A 129 -34.24 -3.98 -24.18
C ILE A 129 -32.93 -4.28 -23.48
N LEU A 130 -32.89 -4.10 -22.15
CA LEU A 130 -31.71 -4.48 -21.38
C LEU A 130 -31.48 -5.98 -21.47
N LYS A 131 -32.57 -6.76 -21.54
CA LYS A 131 -32.46 -8.20 -21.68
C LYS A 131 -32.27 -8.63 -23.14
N ASP A 132 -32.09 -7.70 -24.07
CA ASP A 132 -31.87 -8.07 -25.46
C ASP A 132 -30.49 -7.64 -25.94
N LEU A 133 -30.12 -6.38 -25.66
CA LEU A 133 -28.85 -5.87 -26.14
C LEU A 133 -27.68 -6.64 -25.55
N VAL A 134 -27.75 -6.96 -24.26
CA VAL A 134 -26.65 -7.67 -23.62
C VAL A 134 -26.51 -9.10 -24.13
N GLU A 135 -27.63 -9.76 -24.44
CA GLU A 135 -27.56 -11.06 -25.08
C GLU A 135 -27.13 -10.94 -26.54
N MET A 136 -27.51 -9.84 -27.19
CA MET A 136 -27.11 -9.62 -28.58
C MET A 136 -25.61 -9.37 -28.69
N CYS A 137 -24.95 -9.10 -27.56
CA CYS A 137 -23.50 -8.96 -27.54
C CYS A 137 -22.81 -10.20 -28.10
N ARG A 138 -23.32 -11.38 -27.73
CA ARG A 138 -22.82 -12.62 -28.30
C ARG A 138 -23.13 -12.77 -29.78
N GLY A 139 -23.72 -11.74 -30.41
CA GLY A 139 -23.76 -11.69 -31.87
C GLY A 139 -22.39 -11.58 -32.50
N VAL A 140 -21.34 -11.57 -31.69
CA VAL A 140 -19.97 -11.67 -32.14
C VAL A 140 -19.30 -12.77 -31.33
N GLN A 141 -18.26 -13.39 -31.91
CA GLN A 141 -17.52 -14.44 -31.23
C GLN A 141 -16.02 -14.18 -31.25
N HIS A 142 -15.61 -12.92 -31.38
CA HIS A 142 -14.18 -12.63 -31.28
C HIS A 142 -13.81 -12.23 -29.86
N PRO A 143 -12.59 -12.55 -29.41
CA PRO A 143 -12.18 -12.11 -28.07
C PRO A 143 -12.00 -10.60 -27.96
N LEU A 144 -11.39 -9.98 -28.98
CA LEU A 144 -10.98 -8.58 -28.86
C LEU A 144 -12.13 -7.62 -29.13
N ARG A 145 -12.80 -7.78 -30.27
CA ARG A 145 -13.97 -6.94 -30.55
C ARG A 145 -15.05 -7.12 -29.48
N GLY A 146 -15.10 -8.30 -28.86
CA GLY A 146 -16.08 -8.51 -27.80
C GLY A 146 -15.85 -7.61 -26.60
N LEU A 147 -14.58 -7.45 -26.20
CA LEU A 147 -14.28 -6.59 -25.05
C LEU A 147 -14.71 -5.16 -25.30
N PHE A 148 -14.31 -4.59 -26.44
CA PHE A 148 -14.37 -3.15 -26.61
C PHE A 148 -15.79 -2.66 -26.81
N LEU A 149 -16.61 -3.41 -27.54
CA LEU A 149 -18.00 -3.00 -27.76
C LEU A 149 -18.78 -2.99 -26.46
N ARG A 150 -18.43 -3.89 -25.53
CA ARG A 150 -19.21 -4.02 -24.30
C ARG A 150 -18.75 -2.99 -23.27
N ASN A 151 -17.45 -2.69 -23.24
CA ASN A 151 -16.99 -1.51 -22.51
C ASN A 151 -17.56 -0.25 -23.12
N TYR A 152 -17.69 -0.22 -24.45
CA TYR A 152 -18.46 0.82 -25.11
C TYR A 152 -19.90 0.82 -24.62
N LEU A 153 -20.50 -0.37 -24.52
CA LEU A 153 -21.86 -0.49 -24.04
C LEU A 153 -21.98 0.04 -22.62
N LEU A 154 -21.00 -0.29 -21.77
CA LEU A 154 -20.99 0.19 -20.40
C LEU A 154 -20.94 1.71 -20.33
N GLN A 155 -20.19 2.34 -21.24
CA GLN A 155 -20.17 3.80 -21.30
C GLN A 155 -21.54 4.35 -21.66
N CYS A 156 -22.19 3.76 -22.68
CA CYS A 156 -23.50 4.22 -23.10
C CYS A 156 -24.55 3.98 -22.01
N THR A 157 -24.44 2.88 -21.27
CA THR A 157 -25.42 2.55 -20.24
C THR A 157 -24.93 2.85 -18.83
N ARG A 158 -23.96 3.76 -18.67
CA ARG A 158 -23.32 3.99 -17.38
C ARG A 158 -24.30 4.30 -16.26
N ASN A 159 -25.05 5.40 -16.37
CA ASN A 159 -25.92 5.82 -15.29
C ASN A 159 -27.40 5.54 -15.52
N ILE A 160 -27.76 4.88 -16.63
CA ILE A 160 -29.17 4.69 -16.96
C ILE A 160 -29.74 3.44 -16.31
N LEU A 161 -28.89 2.69 -15.58
CA LEU A 161 -29.44 1.56 -14.84
C LEU A 161 -30.37 2.05 -13.72
N PRO A 162 -31.37 1.26 -13.34
CA PRO A 162 -32.28 1.67 -12.27
C PRO A 162 -31.64 1.65 -10.90
N ASP A 163 -32.43 1.98 -9.88
CA ASP A 163 -32.00 1.98 -8.49
C ASP A 163 -33.24 2.17 -7.62
N GLU A 164 -33.05 2.07 -6.30
CA GLU A 164 -34.15 2.31 -5.39
C GLU A 164 -34.49 3.80 -5.34
N GLY A 165 -33.47 4.66 -5.26
CA GLY A 165 -33.68 6.09 -5.36
C GLY A 165 -33.92 6.50 -6.80
N GLU A 166 -35.06 6.11 -7.35
CA GLU A 166 -35.41 6.25 -8.76
C GLU A 166 -36.48 7.31 -8.96
N PRO A 167 -36.36 8.12 -10.02
CA PRO A 167 -37.48 9.02 -10.36
C PRO A 167 -38.74 8.22 -10.65
N THR A 168 -39.88 8.74 -10.20
CA THR A 168 -41.12 7.98 -10.19
C THR A 168 -41.93 8.14 -11.48
N ASP A 169 -41.27 7.98 -12.61
CA ASP A 169 -41.94 7.78 -13.89
C ASP A 169 -42.25 6.30 -13.99
N GLU A 170 -43.38 5.88 -13.42
CA GLU A 170 -43.60 4.50 -13.03
C GLU A 170 -44.01 3.60 -14.19
N GLU A 171 -43.77 4.01 -15.42
CA GLU A 171 -43.78 3.05 -16.52
C GLU A 171 -42.52 2.19 -16.53
N THR A 172 -41.51 2.57 -15.75
CA THR A 172 -40.21 1.89 -15.79
C THR A 172 -40.33 0.44 -15.36
N THR A 173 -39.46 -0.39 -15.94
CA THR A 173 -39.33 -1.78 -15.55
C THR A 173 -37.85 -2.06 -15.29
N GLY A 174 -37.57 -2.78 -14.21
CA GLY A 174 -36.19 -3.03 -13.81
C GLY A 174 -35.82 -2.26 -12.56
N ASP A 175 -34.95 -2.86 -11.73
CA ASP A 175 -34.57 -2.27 -10.45
C ASP A 175 -33.11 -2.60 -10.21
N ILE A 176 -32.66 -2.42 -8.95
CA ILE A 176 -31.29 -2.77 -8.58
C ILE A 176 -31.02 -4.25 -8.88
N SER A 177 -32.05 -5.09 -8.78
CA SER A 177 -31.91 -6.48 -9.17
C SER A 177 -31.58 -6.60 -10.65
N ASP A 178 -32.25 -5.80 -11.49
CA ASP A 178 -31.94 -5.81 -12.92
C ASP A 178 -30.51 -5.38 -13.17
N SER A 179 -30.06 -4.34 -12.47
CA SER A 179 -28.70 -3.84 -12.68
C SER A 179 -27.67 -4.89 -12.28
N MET A 180 -27.85 -5.52 -11.12
CA MET A 180 -26.84 -6.45 -10.64
C MET A 180 -26.73 -7.67 -11.55
N ASP A 181 -27.86 -8.21 -12.02
CA ASP A 181 -27.79 -9.32 -12.95
C ASP A 181 -27.24 -8.86 -14.30
N PHE A 182 -27.54 -7.62 -14.68
CA PHE A 182 -27.01 -7.08 -15.93
C PHE A 182 -25.49 -7.10 -15.92
N VAL A 183 -24.87 -6.32 -15.04
CA VAL A 183 -23.42 -6.15 -15.06
C VAL A 183 -22.69 -7.43 -14.68
N LEU A 184 -23.28 -8.28 -13.84
CA LEU A 184 -22.67 -9.58 -13.58
C LEU A 184 -22.56 -10.38 -14.87
N LEU A 185 -23.54 -10.25 -15.75
CA LEU A 185 -23.43 -10.86 -17.08
C LEU A 185 -22.37 -10.13 -17.91
N ASN A 186 -22.27 -8.81 -17.76
CA ASN A 186 -21.13 -8.10 -18.32
C ASN A 186 -19.83 -8.57 -17.68
N PHE A 187 -19.82 -8.75 -16.35
CA PHE A 187 -18.64 -9.29 -15.69
C PHE A 187 -18.33 -10.69 -16.20
N ALA A 188 -19.38 -11.45 -16.57
CA ALA A 188 -19.16 -12.80 -17.09
C ALA A 188 -18.46 -12.75 -18.44
N GLU A 189 -18.97 -11.95 -19.38
CA GLU A 189 -18.48 -12.01 -20.74
C GLU A 189 -17.16 -11.28 -20.90
N MET A 190 -16.77 -10.49 -19.88
CA MET A 190 -15.45 -9.88 -19.91
C MET A 190 -14.38 -10.78 -19.32
N ASN A 191 -14.63 -11.40 -18.16
CA ASN A 191 -13.63 -12.28 -17.58
C ASN A 191 -13.38 -13.49 -18.47
N LYS A 192 -14.45 -14.06 -19.04
CA LYS A 192 -14.29 -15.20 -19.95
C LYS A 192 -13.40 -14.84 -21.15
N LEU A 193 -13.64 -13.69 -21.77
CA LEU A 193 -12.85 -13.32 -22.94
C LEU A 193 -11.45 -12.89 -22.56
N TRP A 194 -11.29 -12.31 -21.36
CA TRP A 194 -9.98 -11.90 -20.90
C TRP A 194 -9.08 -13.11 -20.66
N VAL A 195 -9.69 -14.25 -20.30
CA VAL A 195 -8.96 -15.51 -20.32
C VAL A 195 -8.73 -15.97 -21.76
N ARG A 196 -9.65 -15.66 -22.68
CA ARG A 196 -9.42 -15.97 -24.08
C ARG A 196 -8.40 -15.02 -24.69
N MET A 197 -8.10 -13.92 -24.01
CA MET A 197 -6.89 -13.15 -24.31
C MET A 197 -5.65 -14.02 -24.22
N GLN A 198 -5.63 -14.95 -23.26
CA GLN A 198 -4.40 -15.68 -22.94
C GLN A 198 -3.98 -16.64 -24.05
N HIS A 199 -4.95 -17.28 -24.72
CA HIS A 199 -4.64 -18.31 -25.70
C HIS A 199 -5.00 -17.93 -27.13
N GLN A 200 -5.18 -16.65 -27.43
CA GLN A 200 -5.51 -16.23 -28.77
C GLN A 200 -4.23 -16.03 -29.59
N GLY A 201 -4.39 -15.57 -30.82
CA GLY A 201 -3.29 -15.14 -31.66
C GLY A 201 -2.28 -16.24 -31.92
N HIS A 202 -1.01 -15.83 -32.02
CA HIS A 202 0.09 -16.74 -32.29
C HIS A 202 0.71 -17.22 -30.97
N SER A 203 1.40 -18.36 -31.04
CA SER A 203 1.95 -18.99 -29.85
C SER A 203 3.18 -18.27 -29.29
N ARG A 204 4.00 -17.66 -30.15
CA ARG A 204 5.26 -17.07 -29.72
C ARG A 204 5.09 -15.82 -28.86
N ASP A 205 3.88 -15.28 -28.78
CA ASP A 205 3.64 -14.01 -28.10
C ASP A 205 2.69 -14.19 -26.93
N ARG A 206 2.92 -15.23 -26.12
CA ARG A 206 2.13 -15.39 -24.90
C ARG A 206 2.41 -14.26 -23.91
N GLU A 207 3.66 -13.82 -23.83
CA GLU A 207 3.96 -12.64 -23.00
C GLU A 207 3.25 -11.41 -23.53
N LYS A 208 3.17 -11.27 -24.86
CA LYS A 208 2.45 -10.16 -25.45
C LYS A 208 0.97 -10.20 -25.08
N ARG A 209 0.38 -11.39 -25.10
CA ARG A 209 -1.01 -11.54 -24.72
C ARG A 209 -1.22 -11.14 -23.25
N GLU A 210 -0.30 -11.56 -22.38
CA GLU A 210 -0.47 -11.31 -20.95
C GLU A 210 -0.18 -9.86 -20.58
N ARG A 211 0.78 -9.21 -21.23
CA ARG A 211 1.02 -7.80 -20.94
C ARG A 211 -0.15 -6.94 -21.37
N GLU A 212 -0.74 -7.24 -22.53
CA GLU A 212 -1.98 -6.57 -22.92
C GLU A 212 -3.16 -6.98 -22.05
N ARG A 213 -3.05 -8.13 -21.37
CA ARG A 213 -4.03 -8.46 -20.33
C ARG A 213 -3.87 -7.55 -19.13
N GLN A 214 -2.64 -7.08 -18.89
CA GLN A 214 -2.42 -6.10 -17.83
C GLN A 214 -2.89 -4.72 -18.26
N GLU A 215 -3.25 -4.56 -19.53
CA GLU A 215 -3.63 -3.25 -20.05
C GLU A 215 -5.14 -3.10 -20.13
N LEU A 216 -5.80 -4.03 -20.81
CA LEU A 216 -7.25 -3.96 -20.98
C LEU A 216 -8.02 -4.52 -19.80
N ARG A 217 -7.34 -4.98 -18.76
CA ARG A 217 -8.04 -5.43 -17.56
C ARG A 217 -8.75 -4.28 -16.85
N ILE A 218 -8.20 -3.06 -16.93
CA ILE A 218 -8.87 -1.91 -16.35
C ILE A 218 -10.22 -1.69 -16.99
N LEU A 219 -10.39 -2.09 -18.25
CA LEU A 219 -11.69 -2.01 -18.90
C LEU A 219 -12.71 -2.86 -18.16
N VAL A 220 -12.33 -4.08 -17.79
CA VAL A 220 -13.21 -4.93 -17.00
C VAL A 220 -13.43 -4.33 -15.62
N GLY A 221 -12.39 -3.71 -15.07
CA GLY A 221 -12.50 -3.10 -13.76
C GLY A 221 -13.56 -2.02 -13.71
N THR A 222 -13.81 -1.34 -14.83
CA THR A 222 -14.86 -0.33 -14.89
C THR A 222 -16.22 -0.94 -14.58
N ASN A 223 -16.44 -2.19 -14.99
CA ASN A 223 -17.67 -2.88 -14.63
C ASN A 223 -17.78 -3.05 -13.12
N LEU A 224 -16.67 -3.37 -12.47
CA LEU A 224 -16.68 -3.55 -11.03
C LEU A 224 -16.84 -2.22 -10.30
N VAL A 225 -16.34 -1.13 -10.89
CA VAL A 225 -16.62 0.21 -10.35
C VAL A 225 -18.11 0.52 -10.48
N ARG A 226 -18.73 0.06 -11.58
CA ARG A 226 -20.17 0.18 -11.72
C ARG A 226 -20.90 -0.48 -10.57
N LEU A 227 -20.34 -1.59 -10.06
CA LEU A 227 -20.94 -2.29 -8.93
C LEU A 227 -20.92 -1.44 -7.67
N SER A 228 -19.79 -0.79 -7.38
CA SER A 228 -19.68 0.02 -6.16
C SER A 228 -20.63 1.21 -6.20
N GLN A 229 -20.83 1.79 -7.38
CA GLN A 229 -21.73 2.93 -7.52
C GLN A 229 -23.16 2.59 -7.13
N LEU A 230 -23.55 1.32 -7.23
CA LEU A 230 -24.90 0.90 -6.90
C LEU A 230 -25.11 1.00 -5.39
N GLU A 231 -25.76 2.08 -4.96
CA GLU A 231 -26.09 2.22 -3.54
C GLU A 231 -27.12 1.17 -3.11
N GLY A 232 -28.02 0.80 -4.01
CA GLY A 232 -29.00 -0.23 -3.74
C GLY A 232 -28.39 -1.58 -3.40
N VAL A 233 -27.16 -1.84 -3.80
CA VAL A 233 -26.45 -3.06 -3.42
C VAL A 233 -26.03 -2.90 -1.97
N ASN A 234 -26.80 -3.50 -1.07
CA ASN A 234 -26.51 -3.43 0.36
C ASN A 234 -25.72 -4.66 0.79
N VAL A 235 -25.54 -4.83 2.09
CA VAL A 235 -24.76 -5.96 2.59
C VAL A 235 -25.43 -7.28 2.24
N GLU A 236 -26.76 -7.35 2.40
CA GLU A 236 -27.50 -8.59 2.17
C GLU A 236 -27.43 -9.01 0.70
N ARG A 237 -27.80 -8.11 -0.21
CA ARG A 237 -27.84 -8.47 -1.63
C ARG A 237 -26.45 -8.77 -2.17
N TYR A 238 -25.44 -8.00 -1.73
CA TYR A 238 -24.09 -8.21 -2.23
C TYR A 238 -23.58 -9.60 -1.89
N LYS A 239 -23.65 -9.96 -0.61
CA LYS A 239 -23.09 -11.23 -0.15
C LYS A 239 -23.81 -12.43 -0.76
N GLN A 240 -25.08 -12.25 -1.14
CA GLN A 240 -25.87 -13.37 -1.62
C GLN A 240 -25.87 -13.48 -3.14
N ILE A 241 -25.76 -12.35 -3.85
CA ILE A 241 -25.82 -12.38 -5.30
C ILE A 241 -24.56 -11.82 -5.93
N VAL A 242 -24.27 -10.54 -5.64
CA VAL A 242 -23.17 -9.87 -6.33
C VAL A 242 -21.83 -10.50 -5.95
N LEU A 243 -21.60 -10.73 -4.66
CA LEU A 243 -20.37 -11.40 -4.23
C LEU A 243 -20.27 -12.79 -4.83
N THR A 244 -21.30 -13.61 -4.63
CA THR A 244 -21.30 -14.96 -5.17
C THR A 244 -21.27 -14.96 -6.69
N GLY A 245 -22.02 -14.06 -7.31
CA GLY A 245 -21.96 -13.93 -8.76
C GLY A 245 -20.57 -13.55 -9.23
N ILE A 246 -19.92 -12.63 -8.52
CA ILE A 246 -18.51 -12.35 -8.79
C ILE A 246 -17.67 -13.57 -8.48
N LEU A 247 -17.90 -14.19 -7.31
CA LEU A 247 -17.11 -15.36 -6.92
C LEU A 247 -17.30 -16.51 -7.88
N GLU A 248 -18.48 -16.63 -8.49
CA GLU A 248 -18.65 -17.57 -9.59
C GLU A 248 -17.72 -17.19 -10.76
N GLN A 249 -17.63 -15.90 -11.05
CA GLN A 249 -16.73 -15.45 -12.10
C GLN A 249 -15.28 -15.47 -11.61
N VAL A 250 -15.09 -15.52 -10.29
CA VAL A 250 -13.77 -15.70 -9.71
C VAL A 250 -13.27 -17.11 -9.95
N VAL A 251 -14.14 -18.10 -9.75
CA VAL A 251 -13.69 -19.50 -9.78
C VAL A 251 -13.64 -20.10 -11.18
N ASN A 252 -14.31 -19.50 -12.16
CA ASN A 252 -14.36 -20.08 -13.50
C ASN A 252 -13.34 -19.50 -14.47
N CYS A 253 -12.53 -18.53 -14.02
CA CYS A 253 -11.60 -17.86 -14.93
C CYS A 253 -10.47 -18.80 -15.37
N ARG A 254 -10.04 -19.70 -14.48
CA ARG A 254 -8.92 -20.63 -14.71
C ARG A 254 -7.72 -19.95 -15.37
N ASP A 255 -7.35 -18.79 -14.81
CA ASP A 255 -6.18 -18.06 -15.29
C ASP A 255 -5.64 -17.22 -14.15
N ALA A 256 -4.31 -17.17 -14.04
CA ALA A 256 -3.67 -16.56 -12.89
C ALA A 256 -3.87 -15.06 -12.86
N LEU A 257 -3.37 -14.37 -13.89
CA LEU A 257 -3.37 -12.92 -13.89
C LEU A 257 -4.79 -12.36 -13.91
N ALA A 258 -5.67 -13.00 -14.66
CA ALA A 258 -7.09 -12.66 -14.67
C ALA A 258 -7.62 -12.66 -13.24
N GLN A 259 -7.22 -13.67 -12.47
CA GLN A 259 -7.64 -13.78 -11.09
C GLN A 259 -6.93 -12.75 -10.21
N GLU A 260 -5.71 -12.37 -10.59
CA GLU A 260 -4.90 -11.49 -9.74
C GLU A 260 -5.43 -10.07 -9.77
N TYR A 261 -5.59 -9.51 -10.97
CA TYR A 261 -6.08 -8.14 -11.07
C TYR A 261 -7.49 -8.02 -10.55
N LEU A 262 -8.34 -9.01 -10.83
CA LEU A 262 -9.72 -8.95 -10.35
C LEU A 262 -9.77 -8.85 -8.84
N MET A 263 -9.20 -9.84 -8.13
CA MET A 263 -9.44 -9.93 -6.69
C MET A 263 -9.09 -8.65 -5.97
N GLU A 264 -7.92 -8.09 -6.27
CA GLU A 264 -7.52 -6.83 -5.64
C GLU A 264 -8.48 -5.72 -6.04
N CYS A 265 -9.05 -5.81 -7.24
CA CYS A 265 -10.06 -4.84 -7.64
C CYS A 265 -11.35 -4.99 -6.84
N ILE A 266 -11.76 -6.22 -6.50
CA ILE A 266 -12.91 -6.39 -5.61
C ILE A 266 -12.69 -5.71 -4.27
N ILE A 267 -11.56 -5.97 -3.61
CA ILE A 267 -11.36 -5.33 -2.32
C ILE A 267 -11.21 -3.82 -2.46
N GLN A 268 -10.42 -3.35 -3.41
CA GLN A 268 -10.04 -1.94 -3.41
C GLN A 268 -11.22 -1.03 -3.73
N VAL A 269 -12.14 -1.48 -4.57
CA VAL A 269 -13.27 -0.61 -4.93
C VAL A 269 -14.49 -0.87 -4.06
N PHE A 270 -14.71 -2.11 -3.63
CA PHE A 270 -15.83 -2.33 -2.72
C PHE A 270 -15.46 -1.88 -1.31
N PRO A 271 -16.36 -1.15 -0.64
CA PRO A 271 -16.02 -0.54 0.67
C PRO A 271 -15.77 -1.55 1.78
N ASP A 272 -15.47 -1.03 2.96
CA ASP A 272 -14.99 -1.87 4.08
C ASP A 272 -16.10 -2.75 4.61
N GLU A 273 -17.28 -2.18 4.88
CA GLU A 273 -18.33 -2.92 5.56
C GLU A 273 -18.82 -4.10 4.72
N PHE A 274 -18.70 -4.01 3.39
CA PHE A 274 -19.02 -5.16 2.55
C PHE A 274 -18.03 -6.30 2.81
N HIS A 275 -16.78 -5.96 3.07
CA HIS A 275 -15.76 -6.96 3.39
C HIS A 275 -15.75 -7.35 4.86
N LEU A 276 -16.64 -6.77 5.67
CA LEU A 276 -16.63 -7.07 7.11
C LEU A 276 -17.03 -8.51 7.38
N GLN A 277 -18.15 -8.96 6.80
CA GLN A 277 -18.68 -10.29 7.06
C GLN A 277 -18.34 -11.31 6.00
N THR A 278 -17.52 -10.94 5.01
CA THR A 278 -17.09 -11.87 3.98
C THR A 278 -15.83 -12.63 4.36
N LEU A 279 -15.40 -12.50 5.61
CA LEU A 279 -14.12 -13.09 6.04
C LEU A 279 -14.08 -14.58 5.77
N ASN A 280 -15.10 -15.31 6.22
CA ASN A 280 -15.18 -16.74 5.94
C ASN A 280 -15.43 -17.01 4.46
N PRO A 281 -16.46 -16.40 3.82
CA PRO A 281 -16.73 -16.74 2.41
C PRO A 281 -15.64 -16.34 1.43
N PHE A 282 -15.21 -15.07 1.47
CA PHE A 282 -14.28 -14.57 0.47
C PHE A 282 -12.94 -15.31 0.54
N LEU A 283 -12.47 -15.58 1.75
CA LEU A 283 -11.17 -16.23 1.90
C LEU A 283 -11.25 -17.72 1.58
N ARG A 284 -12.44 -18.31 1.69
CA ARG A 284 -12.64 -19.63 1.09
C ARG A 284 -12.54 -19.54 -0.43
N ALA A 285 -13.06 -18.46 -1.02
CA ALA A 285 -12.85 -18.24 -2.44
C ALA A 285 -11.38 -17.98 -2.75
N CYS A 286 -10.69 -17.31 -1.84
CA CYS A 286 -9.24 -17.17 -1.98
C CYS A 286 -8.56 -18.53 -1.92
N ALA A 287 -9.11 -19.45 -1.13
CA ALA A 287 -8.60 -20.83 -1.13
C ALA A 287 -8.88 -21.51 -2.46
N GLU A 288 -9.84 -21.01 -3.24
CA GLU A 288 -10.14 -21.57 -4.55
C GLU A 288 -9.24 -21.04 -5.65
N LEU A 289 -8.35 -20.10 -5.35
CA LEU A 289 -7.51 -19.49 -6.36
C LEU A 289 -6.40 -20.44 -6.79
N HIS A 290 -5.77 -20.09 -7.91
CA HIS A 290 -4.69 -20.91 -8.44
C HIS A 290 -3.42 -20.74 -7.60
N GLN A 291 -2.41 -21.54 -7.92
CA GLN A 291 -1.14 -21.46 -7.19
C GLN A 291 -0.25 -20.37 -7.73
N ASN A 292 -0.53 -19.85 -8.93
CA ASN A 292 0.27 -18.80 -9.52
C ASN A 292 -0.18 -17.42 -9.03
N VAL A 293 -1.24 -17.40 -8.22
CA VAL A 293 -1.82 -16.14 -7.76
C VAL A 293 -0.91 -15.52 -6.71
N ASN A 294 -0.75 -14.19 -6.79
CA ASN A 294 -0.11 -13.44 -5.72
C ASN A 294 -1.11 -13.32 -4.57
N VAL A 295 -1.34 -14.42 -3.86
CA VAL A 295 -2.29 -14.41 -2.75
C VAL A 295 -1.87 -13.44 -1.67
N LYS A 296 -0.57 -13.20 -1.52
CA LYS A 296 -0.05 -12.20 -0.58
C LYS A 296 -0.74 -10.86 -0.78
N ASN A 297 -0.58 -10.27 -1.97
CA ASN A 297 -1.14 -8.94 -2.23
C ASN A 297 -2.65 -8.92 -2.01
N ILE A 298 -3.33 -10.04 -2.25
CA ILE A 298 -4.76 -10.11 -1.99
C ILE A 298 -5.02 -9.93 -0.51
N ILE A 299 -4.29 -10.67 0.33
CA ILE A 299 -4.46 -10.53 1.78
C ILE A 299 -3.77 -9.28 2.30
N ILE A 300 -2.74 -8.78 1.60
CA ILE A 300 -2.15 -7.50 1.97
C ILE A 300 -3.19 -6.38 1.83
N ALA A 301 -3.86 -6.34 0.68
CA ALA A 301 -4.92 -5.36 0.48
C ALA A 301 -6.08 -5.60 1.45
N LEU A 302 -6.32 -6.86 1.79
CA LEU A 302 -7.38 -7.19 2.74
C LEU A 302 -7.13 -6.53 4.09
N ILE A 303 -6.04 -6.91 4.76
CA ILE A 303 -5.74 -6.39 6.08
C ILE A 303 -5.41 -4.91 6.03
N ASP A 304 -4.92 -4.41 4.89
CA ASP A 304 -4.69 -2.98 4.73
C ASP A 304 -6.00 -2.22 4.92
N ARG A 305 -6.98 -2.51 4.07
CA ARG A 305 -8.26 -1.80 4.14
C ARG A 305 -9.06 -2.18 5.37
N LEU A 306 -8.90 -3.43 5.85
CA LEU A 306 -9.64 -3.85 7.05
C LEU A 306 -9.14 -3.12 8.27
N ALA A 307 -7.81 -3.03 8.44
CA ALA A 307 -7.26 -2.23 9.53
C ALA A 307 -7.54 -0.75 9.34
N LEU A 308 -7.73 -0.32 8.08
CA LEU A 308 -8.11 1.07 7.84
C LEU A 308 -9.47 1.37 8.46
N PHE A 309 -10.44 0.45 8.31
CA PHE A 309 -11.73 0.64 8.93
C PHE A 309 -11.71 0.39 10.44
N ALA A 310 -10.79 -0.44 10.92
CA ALA A 310 -10.69 -0.70 12.36
C ALA A 310 -10.22 0.54 13.10
N HIS A 311 -9.45 1.40 12.44
CA HIS A 311 -8.89 2.59 13.06
C HIS A 311 -9.49 3.89 12.53
N ARG A 312 -10.70 3.83 11.96
CA ARG A 312 -11.40 5.04 11.56
C ARG A 312 -12.54 5.30 12.54
N GLU A 313 -12.61 6.52 13.06
CA GLU A 313 -13.58 6.87 14.08
C GLU A 313 -14.90 7.26 13.38
N ASP A 314 -15.84 7.81 14.13
CA ASP A 314 -17.18 8.16 13.62
C ASP A 314 -17.96 6.90 13.20
N GLY A 315 -18.05 5.94 14.10
CA GLY A 315 -18.80 4.72 13.86
C GLY A 315 -18.78 3.80 15.06
N PRO A 316 -19.50 2.68 14.96
CA PRO A 316 -19.48 1.69 16.06
C PRO A 316 -18.09 1.11 16.31
N GLY A 317 -17.22 1.10 15.31
CA GLY A 317 -15.91 0.49 15.46
C GLY A 317 -15.87 -0.85 14.76
N ILE A 318 -15.91 -1.92 15.53
CA ILE A 318 -16.02 -3.28 15.03
C ILE A 318 -17.11 -3.98 15.82
N PRO A 319 -18.07 -4.65 15.17
CA PRO A 319 -19.18 -5.26 15.91
C PRO A 319 -18.69 -6.27 16.94
N ALA A 320 -19.38 -6.33 18.07
CA ALA A 320 -18.96 -7.17 19.19
C ALA A 320 -19.07 -8.64 18.86
N GLU A 321 -19.93 -8.99 17.88
CA GLU A 321 -20.06 -10.38 17.45
C GLU A 321 -18.76 -10.81 16.84
N ILE A 322 -18.14 -9.99 15.99
CA ILE A 322 -17.00 -10.41 15.18
C ILE A 322 -15.74 -10.47 16.02
N LYS A 323 -15.29 -11.69 16.32
CA LYS A 323 -13.97 -11.92 16.90
C LYS A 323 -13.01 -12.17 15.74
N LEU A 324 -12.43 -11.07 15.23
CA LEU A 324 -11.50 -11.18 14.11
C LEU A 324 -10.34 -12.11 14.43
N PHE A 325 -9.94 -12.19 15.70
CA PHE A 325 -8.77 -12.94 16.11
C PHE A 325 -8.81 -14.41 15.70
N ASP A 326 -9.76 -15.17 16.27
CA ASP A 326 -9.77 -16.61 16.01
C ASP A 326 -10.25 -16.93 14.60
N ILE A 327 -11.15 -16.10 14.05
CA ILE A 327 -11.65 -16.37 12.70
C ILE A 327 -10.54 -16.20 11.67
N PHE A 328 -9.77 -15.11 11.79
CA PHE A 328 -8.60 -14.94 10.92
C PHE A 328 -7.66 -16.13 11.03
N SER A 329 -7.27 -16.49 12.26
CA SER A 329 -6.30 -17.55 12.46
C SER A 329 -6.75 -18.85 11.81
N GLN A 330 -8.02 -19.19 11.99
CA GLN A 330 -8.52 -20.44 11.40
C GLN A 330 -8.57 -20.36 9.88
N GLN A 331 -8.89 -19.19 9.33
CA GLN A 331 -8.96 -19.11 7.87
C GLN A 331 -7.59 -18.82 7.26
N VAL A 332 -6.71 -18.12 8.00
CA VAL A 332 -5.37 -17.91 7.49
C VAL A 332 -4.68 -19.24 7.24
N ALA A 333 -4.71 -20.14 8.23
CA ALA A 333 -4.03 -21.42 8.12
C ALA A 333 -4.53 -22.21 6.90
N THR A 334 -5.84 -22.14 6.64
CA THR A 334 -6.38 -22.82 5.47
C THR A 334 -5.79 -22.25 4.19
N VAL A 335 -5.49 -20.94 4.18
CA VAL A 335 -4.79 -20.36 3.04
C VAL A 335 -3.41 -20.99 2.89
N ILE A 336 -2.71 -21.19 4.02
CA ILE A 336 -1.47 -21.96 3.99
C ILE A 336 -1.74 -23.42 3.59
N GLN A 337 -2.81 -24.01 4.13
CA GLN A 337 -3.07 -25.41 3.82
C GLN A 337 -3.41 -25.61 2.34
N SER A 338 -4.18 -24.69 1.76
CA SER A 338 -4.59 -24.83 0.37
C SER A 338 -3.44 -24.63 -0.63
N ARG A 339 -2.39 -23.91 -0.26
CA ARG A 339 -1.38 -23.50 -1.21
C ARG A 339 -0.26 -24.54 -1.27
N GLN A 340 0.60 -24.46 -2.28
CA GLN A 340 1.45 -25.60 -2.59
C GLN A 340 2.93 -25.33 -2.38
N ASP A 341 3.56 -24.67 -3.36
CA ASP A 341 5.02 -24.57 -3.44
C ASP A 341 5.34 -23.18 -2.93
N MET A 342 5.53 -23.10 -1.60
CA MET A 342 5.55 -21.73 -1.00
C MET A 342 6.85 -21.28 -0.33
N PRO A 343 7.51 -20.25 -0.88
CA PRO A 343 8.63 -19.56 -0.24
C PRO A 343 8.33 -19.17 1.20
N SER A 344 9.39 -19.04 1.98
CA SER A 344 9.26 -18.79 3.41
C SER A 344 8.63 -17.43 3.69
N GLU A 345 9.00 -16.41 2.90
CA GLU A 345 8.57 -15.06 3.21
C GLU A 345 7.06 -14.90 3.13
N ASP A 346 6.37 -15.84 2.48
CA ASP A 346 4.92 -15.80 2.40
C ASP A 346 4.30 -15.97 3.79
N VAL A 347 4.64 -17.05 4.47
CA VAL A 347 4.02 -17.34 5.76
C VAL A 347 4.47 -16.33 6.81
N VAL A 348 5.70 -15.83 6.70
CA VAL A 348 6.20 -14.86 7.66
C VAL A 348 5.36 -13.59 7.61
N SER A 349 5.17 -13.04 6.41
CA SER A 349 4.44 -11.79 6.28
C SER A 349 2.99 -11.94 6.72
N LEU A 350 2.36 -13.07 6.43
CA LEU A 350 1.00 -13.31 6.90
C LEU A 350 0.95 -13.34 8.43
N GLN A 351 1.92 -14.02 9.04
CA GLN A 351 2.02 -13.99 10.49
C GLN A 351 2.38 -12.61 11.01
N VAL A 352 3.14 -11.84 10.23
CA VAL A 352 3.39 -10.45 10.58
C VAL A 352 2.08 -9.68 10.66
N SER A 353 1.23 -9.86 9.66
CA SER A 353 -0.09 -9.23 9.68
C SER A 353 -0.92 -9.74 10.83
N LEU A 354 -0.81 -11.05 11.13
CA LEU A 354 -1.50 -11.59 12.29
C LEU A 354 -1.04 -10.91 13.57
N ILE A 355 0.28 -10.74 13.71
CA ILE A 355 0.80 -9.91 14.81
C ILE A 355 0.32 -8.48 14.66
N ASN A 356 0.35 -7.96 13.43
CA ASN A 356 -0.04 -6.58 13.18
C ASN A 356 -1.47 -6.31 13.63
N LEU A 357 -2.41 -7.15 13.17
CA LEU A 357 -3.81 -6.92 13.50
C LEU A 357 -4.08 -7.19 14.97
N ALA A 358 -3.59 -8.31 15.50
CA ALA A 358 -3.93 -8.72 16.86
C ALA A 358 -3.47 -7.72 17.91
N MET A 359 -2.50 -6.86 17.58
CA MET A 359 -2.12 -5.76 18.45
C MET A 359 -2.95 -4.51 18.19
N LYS A 360 -3.12 -4.15 16.93
CA LYS A 360 -3.84 -2.92 16.60
C LYS A 360 -5.32 -3.04 16.94
N CYS A 361 -5.96 -4.13 16.52
CA CYS A 361 -7.39 -4.29 16.79
C CYS A 361 -7.66 -4.76 18.22
N TYR A 362 -6.66 -5.33 18.89
CA TYR A 362 -6.81 -5.81 20.27
C TYR A 362 -5.66 -5.28 21.12
N PRO A 363 -5.65 -3.97 21.42
CA PRO A 363 -4.53 -3.41 22.19
C PRO A 363 -4.57 -3.82 23.66
N ASP A 364 -5.76 -3.82 24.25
CA ASP A 364 -5.89 -4.08 25.68
C ASP A 364 -5.79 -5.56 26.03
N ARG A 365 -5.76 -6.44 25.04
CA ARG A 365 -5.67 -7.89 25.27
C ARG A 365 -4.30 -8.37 24.81
N VAL A 366 -3.59 -9.06 25.70
CA VAL A 366 -2.20 -9.42 25.46
C VAL A 366 -2.02 -10.92 25.22
N ASP A 367 -2.91 -11.75 25.75
CA ASP A 367 -2.78 -13.18 25.52
C ASP A 367 -3.14 -13.57 24.09
N TYR A 368 -3.73 -12.66 23.32
CA TYR A 368 -4.07 -12.94 21.93
C TYR A 368 -2.82 -12.92 21.06
N VAL A 369 -2.06 -11.82 21.11
CA VAL A 369 -0.79 -11.77 20.39
C VAL A 369 0.14 -12.86 20.89
N ASP A 370 0.01 -13.24 22.17
CA ASP A 370 0.76 -14.35 22.72
C ASP A 370 0.54 -15.63 21.90
N LYS A 371 -0.73 -15.95 21.63
CA LYS A 371 -1.04 -17.16 20.90
C LYS A 371 -0.52 -17.12 19.47
N VAL A 372 -0.62 -15.96 18.80
CA VAL A 372 -0.19 -15.88 17.40
C VAL A 372 1.31 -16.11 17.28
N LEU A 373 2.10 -15.44 18.11
CA LEU A 373 3.53 -15.68 18.09
C LEU A 373 3.87 -17.05 18.67
N GLU A 374 2.99 -17.58 19.52
CA GLU A 374 3.13 -18.98 19.93
C GLU A 374 2.97 -19.91 18.73
N THR A 375 1.98 -19.63 17.88
CA THR A 375 1.83 -20.39 16.65
C THR A 375 3.03 -20.16 15.73
N THR A 376 3.59 -18.95 15.75
CA THR A 376 4.74 -18.64 14.90
C THR A 376 5.90 -19.58 15.22
N VAL A 377 6.20 -19.77 16.51
CA VAL A 377 7.20 -20.76 16.89
C VAL A 377 6.77 -22.14 16.45
N GLU A 378 5.51 -22.49 16.70
CA GLU A 378 5.01 -23.81 16.31
C GLU A 378 5.04 -23.98 14.80
N ILE A 379 4.76 -22.91 14.05
CA ILE A 379 4.83 -23.00 12.59
C ILE A 379 6.24 -23.31 12.13
N PHE A 380 7.22 -22.56 12.64
CA PHE A 380 8.60 -22.74 12.19
C PHE A 380 9.34 -23.82 12.95
N ASN A 381 8.84 -24.28 14.09
CA ASN A 381 9.38 -25.50 14.69
C ASN A 381 8.99 -26.72 13.86
N LYS A 382 7.71 -26.79 13.47
CA LYS A 382 7.28 -27.85 12.56
C LYS A 382 7.92 -27.70 11.19
N LEU A 383 8.11 -26.45 10.74
CA LEU A 383 8.84 -26.20 9.51
C LEU A 383 10.26 -26.72 9.63
N ASN A 384 10.63 -27.69 8.80
CA ASN A 384 11.95 -28.30 8.88
C ASN A 384 13.01 -27.35 8.33
N LEU A 385 13.29 -26.28 9.07
CA LEU A 385 14.25 -25.26 8.64
C LEU A 385 15.43 -25.27 9.61
N GLU A 386 16.62 -25.10 9.05
CA GLU A 386 17.84 -25.09 9.86
C GLU A 386 18.04 -23.69 10.46
N HIS A 387 19.16 -23.52 11.16
CA HIS A 387 19.43 -22.28 11.87
C HIS A 387 19.44 -21.09 10.91
N ILE A 388 18.58 -20.12 11.18
CA ILE A 388 18.34 -19.02 10.26
C ILE A 388 19.54 -18.09 10.26
N ALA A 389 20.22 -17.99 9.12
CA ALA A 389 21.31 -17.05 8.92
C ALA A 389 20.76 -15.70 8.45
N THR A 390 21.65 -14.83 7.96
CA THR A 390 21.24 -13.50 7.51
C THR A 390 21.07 -13.40 5.99
N SER A 391 21.57 -14.38 5.24
CA SER A 391 21.63 -14.31 3.79
C SER A 391 20.26 -14.14 3.13
N SER A 392 19.37 -15.11 3.31
CA SER A 392 18.10 -15.09 2.60
C SER A 392 17.19 -14.00 3.14
N ALA A 393 16.15 -13.69 2.35
CA ALA A 393 15.21 -12.64 2.73
C ALA A 393 14.39 -13.04 3.96
N VAL A 394 14.35 -14.33 4.29
CA VAL A 394 13.63 -14.78 5.47
C VAL A 394 14.17 -14.12 6.72
N SER A 395 15.48 -13.83 6.75
CA SER A 395 16.07 -13.15 7.89
C SER A 395 15.47 -11.77 8.07
N LYS A 396 15.32 -11.03 6.97
CA LYS A 396 14.77 -9.68 7.08
C LYS A 396 13.27 -9.70 7.31
N GLU A 397 12.59 -10.79 6.93
CA GLU A 397 11.15 -10.87 7.14
C GLU A 397 10.85 -11.19 8.60
N LEU A 398 11.54 -12.17 9.17
CA LEU A 398 11.34 -12.50 10.58
C LEU A 398 11.84 -11.37 11.47
N THR A 399 12.86 -10.64 11.03
CA THR A 399 13.30 -9.45 11.77
C THR A 399 12.18 -8.43 11.84
N ARG A 400 11.57 -8.13 10.69
CA ARG A 400 10.41 -7.26 10.64
C ARG A 400 9.32 -7.80 11.54
N LEU A 401 9.16 -9.13 11.54
CA LEU A 401 8.19 -9.81 12.39
C LEU A 401 8.48 -9.52 13.86
N LEU A 402 9.67 -9.89 14.32
CA LEU A 402 10.01 -9.71 15.73
C LEU A 402 10.08 -8.25 16.14
N LYS A 403 10.31 -7.34 15.19
CA LYS A 403 10.40 -5.92 15.52
C LYS A 403 9.08 -5.38 16.05
N ILE A 404 7.97 -5.85 15.46
CA ILE A 404 6.66 -5.26 15.76
C ILE A 404 6.27 -5.40 17.23
N PRO A 405 6.35 -6.58 17.87
CA PRO A 405 5.87 -6.69 19.26
C PRO A 405 6.51 -5.70 20.22
N VAL A 406 7.83 -5.52 20.14
CA VAL A 406 8.51 -4.64 21.09
C VAL A 406 8.12 -3.19 20.84
N ASP A 407 8.08 -2.78 19.57
CA ASP A 407 7.76 -1.41 19.24
C ASP A 407 6.33 -1.04 19.62
N THR A 408 5.39 -1.96 19.41
CA THR A 408 3.98 -1.63 19.58
C THR A 408 3.58 -1.45 21.04
N TYR A 409 4.11 -2.27 21.95
CA TYR A 409 3.68 -2.21 23.35
C TYR A 409 4.21 -0.92 23.96
N ASN A 410 3.30 -0.09 24.46
CA ASN A 410 3.68 1.20 25.03
C ASN A 410 4.60 1.03 26.23
N ASN A 411 4.12 0.34 27.27
CA ASN A 411 4.95 0.00 28.41
C ASN A 411 5.73 -1.26 28.08
N ILE A 412 7.04 -1.14 27.93
CA ILE A 412 7.87 -2.26 27.51
C ILE A 412 7.99 -3.33 28.60
N LEU A 413 7.45 -3.07 29.79
CA LEU A 413 7.34 -4.12 30.80
C LEU A 413 6.52 -5.30 30.29
N THR A 414 5.51 -5.01 29.45
CA THR A 414 4.73 -6.09 28.86
C THR A 414 5.55 -6.94 27.91
N VAL A 415 6.55 -6.34 27.25
CA VAL A 415 7.50 -7.13 26.46
C VAL A 415 8.26 -8.09 27.37
N LEU A 416 8.74 -7.58 28.50
CA LEU A 416 9.52 -8.38 29.43
C LEU A 416 8.65 -9.42 30.12
N LYS A 417 7.40 -9.06 30.42
CA LYS A 417 6.50 -9.97 31.16
C LYS A 417 5.98 -11.11 30.30
N LEU A 418 6.40 -11.21 29.04
CA LEU A 418 5.96 -12.31 28.19
C LEU A 418 6.85 -13.53 28.41
N LYS A 419 6.22 -14.65 28.78
CA LYS A 419 6.96 -15.88 29.02
C LYS A 419 7.45 -16.50 27.71
N HIS A 420 6.63 -16.45 26.67
CA HIS A 420 6.97 -17.10 25.41
C HIS A 420 7.76 -16.18 24.49
N PHE A 421 8.14 -14.99 24.95
CA PHE A 421 9.02 -14.13 24.18
C PHE A 421 10.40 -14.77 24.00
N HIS A 422 10.84 -15.54 24.99
CA HIS A 422 12.17 -16.14 24.96
C HIS A 422 12.39 -17.11 23.79
N PRO A 423 11.47 -18.04 23.46
CA PRO A 423 11.76 -19.00 22.36
C PRO A 423 12.14 -18.36 21.04
N LEU A 424 11.60 -17.17 20.77
CA LEU A 424 11.80 -16.54 19.46
C LEU A 424 13.28 -16.30 19.17
N PHE A 425 14.03 -15.82 20.17
CA PHE A 425 15.38 -15.34 19.93
C PHE A 425 16.36 -16.44 19.54
N GLU A 426 16.01 -17.71 19.78
CA GLU A 426 16.98 -18.78 19.66
C GLU A 426 17.41 -19.01 18.21
N TYR A 427 16.48 -18.88 17.27
CA TYR A 427 16.71 -19.34 15.90
C TYR A 427 17.46 -18.35 15.03
N PHE A 428 17.97 -17.26 15.59
CA PHE A 428 18.50 -16.17 14.78
C PHE A 428 19.99 -16.33 14.52
N ASP A 429 20.51 -15.57 13.56
CA ASP A 429 21.92 -15.55 13.21
C ASP A 429 22.69 -14.73 14.25
N TYR A 430 23.97 -15.08 14.41
CA TYR A 430 24.79 -14.47 15.47
C TYR A 430 24.84 -12.95 15.31
N GLU A 431 25.07 -12.47 14.10
CA GLU A 431 25.04 -11.03 13.85
C GLU A 431 23.66 -10.45 14.13
N SER A 432 22.62 -11.13 13.64
CA SER A 432 21.25 -10.69 13.89
C SER A 432 20.89 -10.82 15.36
N ARG A 433 21.30 -11.94 15.99
CA ARG A 433 20.97 -12.17 17.40
C ARG A 433 21.57 -11.09 18.28
N LYS A 434 22.82 -10.72 18.03
CA LYS A 434 23.46 -9.65 18.79
C LYS A 434 22.79 -8.31 18.54
N SER A 435 22.48 -8.01 17.28
CA SER A 435 21.92 -6.72 16.93
C SER A 435 20.55 -6.51 17.56
N MET A 436 19.69 -7.53 17.54
CA MET A 436 18.36 -7.37 18.10
C MET A 436 18.38 -7.35 19.62
N SER A 437 19.31 -8.12 20.21
CA SER A 437 19.37 -8.22 21.66
C SER A 437 19.76 -6.89 22.30
N CYS A 438 20.73 -6.19 21.71
CA CYS A 438 21.08 -4.87 22.23
C CYS A 438 19.96 -3.87 21.98
N TYR A 439 19.21 -4.05 20.88
CA TYR A 439 18.08 -3.17 20.61
C TYR A 439 17.00 -3.32 21.67
N VAL A 440 16.57 -4.55 21.93
CA VAL A 440 15.49 -4.76 22.89
C VAL A 440 15.93 -4.33 24.29
N LEU A 441 17.20 -4.56 24.62
CA LEU A 441 17.72 -4.04 25.88
C LEU A 441 17.72 -2.51 25.87
N SER A 442 18.12 -1.90 24.75
CA SER A 442 18.12 -0.45 24.65
C SER A 442 16.72 0.11 24.82
N ASN A 443 15.70 -0.59 24.34
CA ASN A 443 14.33 -0.17 24.56
C ASN A 443 13.98 -0.15 26.05
N VAL A 444 14.43 -1.17 26.78
CA VAL A 444 14.33 -1.13 28.24
C VAL A 444 15.19 -0.01 28.79
N LEU A 445 16.25 0.37 28.08
CA LEU A 445 17.17 1.41 28.52
C LEU A 445 16.70 2.81 28.13
N ASP A 446 16.42 3.03 26.83
CA ASP A 446 16.09 4.36 26.35
C ASP A 446 14.82 4.93 26.99
N TYR A 447 13.89 4.08 27.40
CA TYR A 447 12.73 4.51 28.15
C TYR A 447 12.95 4.19 29.62
N ASN A 448 12.59 5.13 30.49
CA ASN A 448 12.86 4.97 31.92
C ASN A 448 12.00 3.87 32.52
N THR A 449 12.58 2.69 32.70
CA THR A 449 11.89 1.56 33.31
C THR A 449 12.02 1.68 34.84
N GLU A 450 10.90 1.68 35.53
CA GLU A 450 10.88 1.82 36.97
C GLU A 450 11.21 0.47 37.61
N ILE A 451 10.90 0.34 38.91
CA ILE A 451 11.23 -0.86 39.70
C ILE A 451 10.80 -2.12 38.96
N VAL A 452 11.71 -3.08 38.87
CA VAL A 452 11.52 -4.30 38.10
C VAL A 452 11.31 -5.47 39.06
N SER A 453 10.29 -6.29 38.79
CA SER A 453 9.95 -7.40 39.66
C SER A 453 10.94 -8.55 39.50
N GLN A 454 10.93 -9.44 40.49
CA GLN A 454 11.83 -10.59 40.48
C GLN A 454 11.63 -11.45 39.24
N ASP A 455 10.39 -11.56 38.76
CA ASP A 455 10.11 -12.30 37.54
C ASP A 455 10.89 -11.72 36.36
N GLN A 456 10.82 -10.39 36.19
CA GLN A 456 11.60 -9.76 35.14
C GLN A 456 13.07 -9.64 35.50
N VAL A 457 13.43 -9.75 36.79
CA VAL A 457 14.83 -9.87 37.17
C VAL A 457 15.44 -11.11 36.52
N ASP A 458 14.74 -12.23 36.64
CA ASP A 458 15.14 -13.44 35.92
C ASP A 458 15.06 -13.24 34.42
N SER A 459 14.09 -12.45 33.94
CA SER A 459 14.00 -12.18 32.51
C SER A 459 15.23 -11.45 32.00
N ILE A 460 15.60 -10.34 32.64
CA ILE A 460 16.69 -9.52 32.12
C ILE A 460 17.99 -10.30 32.09
N MET A 461 18.27 -11.08 33.16
CA MET A 461 19.45 -11.94 33.11
C MET A 461 19.29 -13.00 32.01
N ASN A 462 18.07 -13.44 31.77
CA ASN A 462 17.81 -14.34 30.65
C ASN A 462 17.97 -13.62 29.31
N LEU A 463 17.54 -12.36 29.23
CA LEU A 463 17.87 -11.55 28.06
C LEU A 463 19.37 -11.34 27.95
N VAL A 464 20.05 -11.12 29.09
CA VAL A 464 21.51 -11.07 29.08
C VAL A 464 22.08 -12.41 28.63
N SER A 465 21.43 -13.51 29.01
CA SER A 465 21.89 -14.82 28.59
C SER A 465 21.83 -14.98 27.07
N THR A 466 21.04 -14.14 26.39
CA THR A 466 21.00 -14.18 24.93
C THR A 466 22.12 -13.34 24.32
N LEU A 467 22.49 -12.25 24.97
CA LEU A 467 23.43 -11.31 24.37
C LEU A 467 24.88 -11.75 24.55
N ILE A 468 25.30 -11.96 25.81
CA ILE A 468 26.73 -12.11 26.11
C ILE A 468 27.30 -13.37 25.47
N GLN A 469 26.55 -14.45 25.44
CA GLN A 469 27.08 -15.73 24.95
C GLN A 469 26.12 -16.37 23.94
N PHE A 484 30.09 -5.02 26.06
CA PHE A 484 30.41 -3.67 25.64
C PHE A 484 29.89 -2.67 26.68
N ALA A 485 30.12 -1.38 26.41
CA ALA A 485 29.61 -0.33 27.30
C ALA A 485 28.10 -0.31 27.35
N ASP A 486 27.43 -0.96 26.40
CA ASP A 486 25.99 -1.11 26.45
C ASP A 486 25.55 -1.72 27.78
N GLU A 487 26.30 -2.73 28.23
CA GLU A 487 26.03 -3.30 29.54
C GLU A 487 26.22 -2.28 30.65
N GLN A 488 27.23 -1.42 30.53
CA GLN A 488 27.48 -0.42 31.55
C GLN A 488 26.29 0.53 31.67
N SER A 489 25.71 0.91 30.53
CA SER A 489 24.48 1.68 30.56
C SER A 489 23.36 0.88 31.21
N LEU A 490 23.28 -0.42 30.89
CA LEU A 490 22.25 -1.25 31.50
C LEU A 490 22.43 -1.36 33.01
N VAL A 491 23.64 -1.71 33.44
CA VAL A 491 23.88 -1.78 34.88
C VAL A 491 23.82 -0.40 35.51
N GLY A 492 23.99 0.66 34.72
CA GLY A 492 23.82 2.00 35.25
C GLY A 492 22.42 2.26 35.74
N ARG A 493 21.41 1.89 34.95
CA ARG A 493 20.03 2.06 35.36
C ARG A 493 19.55 0.85 36.17
N PHE A 494 20.33 -0.23 36.14
CA PHE A 494 20.03 -1.41 36.94
C PHE A 494 19.86 -1.04 38.40
N ILE A 495 20.66 -0.09 38.88
CA ILE A 495 20.57 0.40 40.24
C ILE A 495 19.21 1.08 40.44
N HIS A 496 18.64 1.63 39.36
CA HIS A 496 17.35 2.31 39.47
C HIS A 496 16.19 1.35 39.20
N LEU A 497 16.19 0.72 38.01
CA LEU A 497 15.10 -0.20 37.69
C LEU A 497 15.08 -1.39 38.63
N LEU A 498 16.19 -1.65 39.32
CA LEU A 498 16.23 -2.60 40.42
C LEU A 498 16.69 -1.86 41.68
N ARG A 499 16.07 -0.70 41.90
CA ARG A 499 16.00 -0.09 43.23
C ARG A 499 14.67 -0.48 43.85
N SER A 500 14.72 -0.98 45.07
CA SER A 500 13.53 -1.48 45.73
C SER A 500 13.45 -0.89 47.13
N ASP A 501 12.21 -0.66 47.57
CA ASP A 501 11.92 -0.10 48.89
C ASP A 501 11.76 -1.18 49.95
N ASP A 502 12.37 -2.36 49.73
CA ASP A 502 12.31 -3.47 50.66
C ASP A 502 13.57 -3.52 51.51
N PRO A 503 13.42 -3.63 52.83
CA PRO A 503 14.60 -3.66 53.70
C PRO A 503 15.21 -5.04 53.83
N ASP A 504 15.46 -5.69 52.68
CA ASP A 504 16.03 -7.06 52.67
C ASP A 504 16.24 -7.48 51.21
N GLN A 505 15.20 -7.37 50.39
CA GLN A 505 15.15 -8.00 49.05
C GLN A 505 16.19 -7.36 48.14
N GLN A 506 16.31 -6.02 48.20
CA GLN A 506 17.23 -5.30 47.28
C GLN A 506 18.56 -6.05 47.21
N TYR A 507 19.07 -6.54 48.34
CA TYR A 507 20.34 -7.24 48.33
C TYR A 507 20.31 -8.48 47.45
N LEU A 508 19.24 -9.27 47.55
CA LEU A 508 19.12 -10.46 46.71
C LEU A 508 19.12 -10.07 45.24
N ILE A 509 18.50 -8.95 44.91
CA ILE A 509 18.56 -8.42 43.55
C ILE A 509 20.02 -8.16 43.18
N LEU A 510 20.75 -7.49 44.06
CA LEU A 510 22.18 -7.28 43.82
C LEU A 510 22.94 -8.59 43.82
N ASN A 511 22.57 -9.51 44.71
CA ASN A 511 23.23 -10.82 44.73
C ASN A 511 22.96 -11.62 43.47
N THR A 512 21.76 -11.53 42.90
CA THR A 512 21.53 -12.11 41.59
C THR A 512 22.41 -11.46 40.54
N ALA A 513 22.55 -10.14 40.61
CA ALA A 513 23.53 -9.46 39.77
C ALA A 513 24.94 -9.93 40.09
N ARG A 514 25.22 -10.14 41.37
CA ARG A 514 26.53 -10.65 41.78
C ARG A 514 26.84 -11.98 41.10
N LYS A 515 25.88 -12.91 41.13
CA LYS A 515 26.11 -14.24 40.59
C LYS A 515 26.04 -14.25 39.07
N HIS A 516 24.88 -13.89 38.50
CA HIS A 516 24.69 -14.12 37.07
C HIS A 516 25.56 -13.19 36.23
N PHE A 517 25.61 -11.90 36.58
CA PHE A 517 26.48 -10.99 35.83
C PHE A 517 27.94 -11.36 36.04
N GLY A 518 28.26 -12.00 37.16
CA GLY A 518 29.57 -12.59 37.33
C GLY A 518 29.81 -13.79 36.46
N ALA A 519 28.75 -14.45 35.99
CA ALA A 519 28.90 -15.57 35.07
C ALA A 519 29.06 -15.08 33.63
N GLY A 520 28.85 -13.78 33.40
CA GLY A 520 29.03 -13.24 32.06
C GLY A 520 30.45 -13.34 31.58
N GLY A 521 31.41 -13.28 32.50
CA GLY A 521 32.81 -13.34 32.15
C GLY A 521 33.68 -12.57 33.11
N ASN A 522 34.62 -11.78 32.58
CA ASN A 522 35.52 -10.99 33.40
C ASN A 522 35.53 -9.51 33.00
N GLN A 523 35.40 -9.22 31.71
CA GLN A 523 35.51 -7.83 31.25
C GLN A 523 34.38 -6.96 31.78
N ARG A 524 33.17 -7.52 31.90
CA ARG A 524 32.00 -6.71 32.25
C ARG A 524 32.05 -6.24 33.70
N ILE A 525 32.53 -7.09 34.62
CA ILE A 525 32.32 -6.84 36.04
C ILE A 525 33.05 -5.58 36.51
N ARG A 526 34.12 -5.19 35.82
CA ARG A 526 34.82 -3.96 36.20
C ARG A 526 33.89 -2.76 36.10
N PHE A 527 32.91 -2.82 35.20
CA PHE A 527 31.99 -1.71 35.02
C PHE A 527 30.79 -1.76 35.95
N THR A 528 30.38 -2.94 36.39
CA THR A 528 29.13 -3.09 37.13
C THR A 528 29.30 -3.28 38.62
N LEU A 529 30.34 -3.98 39.06
CA LEU A 529 30.52 -4.16 40.50
C LEU A 529 30.71 -2.84 41.24
N PRO A 530 31.56 -1.91 40.80
CA PRO A 530 31.74 -0.66 41.55
C PRO A 530 30.43 0.11 41.73
N PRO A 531 29.51 0.09 40.76
CA PRO A 531 28.17 0.61 41.07
C PRO A 531 27.29 -0.35 41.85
N LEU A 532 27.35 -1.66 41.56
CA LEU A 532 26.57 -2.59 42.36
C LEU A 532 26.97 -2.56 43.82
N VAL A 533 28.26 -2.42 44.09
CA VAL A 533 28.70 -2.36 45.48
C VAL A 533 28.22 -1.07 46.13
N PHE A 534 28.14 0.03 45.40
CA PHE A 534 27.66 1.25 46.02
C PHE A 534 26.13 1.19 46.10
N ALA A 535 25.51 0.45 45.19
CA ALA A 535 24.11 0.10 45.34
C ALA A 535 23.95 -0.67 46.65
N ALA A 536 24.97 -1.44 47.02
CA ALA A 536 24.98 -2.03 48.34
C ALA A 536 25.26 -0.99 49.40
N TYR A 537 26.13 -0.02 49.11
CA TYR A 537 26.26 1.12 50.02
C TYR A 537 24.95 1.89 50.12
N GLN A 538 24.31 2.19 48.99
CA GLN A 538 22.98 2.79 49.05
C GLN A 538 22.12 1.93 49.96
N LEU A 539 22.12 0.63 49.66
CA LEU A 539 21.45 -0.33 50.53
C LEU A 539 21.97 -0.25 51.96
N ALA A 540 23.29 -0.16 52.12
CA ALA A 540 23.85 -0.02 53.47
C ALA A 540 23.38 1.26 54.13
N PHE A 541 23.41 2.39 53.41
CA PHE A 541 22.87 3.62 53.98
C PHE A 541 21.35 3.62 54.00
N ARG A 542 20.71 2.77 53.19
CA ARG A 542 19.27 2.59 53.32
C ARG A 542 18.91 1.96 54.66
N TYR A 543 19.82 1.18 55.23
CA TYR A 543 19.58 0.67 56.57
C TYR A 543 20.10 1.62 57.63
N LYS A 544 20.92 2.60 57.26
CA LYS A 544 21.13 3.74 58.14
C LYS A 544 19.82 4.49 58.35
N GLU A 545 19.04 4.62 57.27
CA GLU A 545 17.67 5.10 57.41
C GLU A 545 16.83 4.12 58.21
N ASN A 546 17.01 2.81 57.98
CA ASN A 546 16.27 1.77 58.68
C ASN A 546 16.88 1.42 60.02
N SER A 547 17.84 2.20 60.51
CA SER A 547 18.49 1.93 61.79
C SER A 547 17.47 1.87 62.92
N GLN A 548 16.48 2.76 62.89
CA GLN A 548 15.40 2.71 63.87
C GLN A 548 14.28 1.79 63.41
N MET A 549 14.10 1.67 62.10
CA MET A 549 13.06 0.80 61.56
C MET A 549 13.41 -0.68 61.73
N ASP A 550 14.66 -1.04 61.50
CA ASP A 550 15.12 -2.41 61.60
C ASP A 550 16.03 -2.58 62.81
N ASP A 551 16.17 -3.83 63.25
CA ASP A 551 17.07 -4.18 64.34
C ASP A 551 18.14 -5.18 63.92
N LYS A 552 18.11 -5.62 62.67
CA LYS A 552 19.13 -6.52 62.14
C LYS A 552 20.11 -5.82 61.20
N TRP A 553 19.82 -4.58 60.80
CA TRP A 553 20.62 -3.81 59.86
C TRP A 553 22.11 -3.85 60.15
N GLU A 554 22.49 -3.89 61.43
CA GLU A 554 23.89 -3.95 61.79
C GLU A 554 24.56 -5.20 61.24
N LYS A 555 23.88 -6.36 61.39
CA LYS A 555 24.41 -7.58 60.80
C LYS A 555 24.23 -7.61 59.30
N LYS A 556 23.14 -7.02 58.80
CA LYS A 556 22.95 -6.94 57.35
C LYS A 556 24.05 -6.10 56.70
N CYS A 557 24.42 -4.97 57.31
CA CYS A 557 25.58 -4.24 56.83
C CYS A 557 26.83 -5.09 56.90
N GLN A 558 27.05 -5.77 58.03
CA GLN A 558 28.17 -6.69 58.14
C GLN A 558 28.17 -7.71 57.01
N LYS A 559 26.98 -8.20 56.65
CA LYS A 559 26.86 -9.02 55.44
C LYS A 559 27.22 -8.21 54.20
N ILE A 560 26.70 -6.99 54.12
CA ILE A 560 26.93 -6.15 52.93
C ILE A 560 28.39 -5.71 52.85
N PHE A 561 28.96 -5.24 53.96
CA PHE A 561 30.37 -4.87 53.96
C PHE A 561 31.23 -6.08 53.62
N SER A 562 30.83 -7.27 54.07
CA SER A 562 31.46 -8.49 53.59
C SER A 562 31.03 -8.83 52.17
N PHE A 563 29.76 -8.57 51.82
CA PHE A 563 29.34 -8.74 50.44
C PHE A 563 30.13 -7.83 49.52
N ALA A 564 30.40 -6.60 49.96
CA ALA A 564 31.34 -5.75 49.26
C ALA A 564 32.67 -6.48 49.10
N HIS A 565 33.20 -6.99 50.21
CA HIS A 565 34.44 -7.75 50.23
C HIS A 565 34.37 -8.92 49.26
N GLN A 566 33.19 -9.55 49.14
CA GLN A 566 33.01 -10.58 48.14
C GLN A 566 33.10 -9.99 46.73
N THR A 567 32.35 -8.92 46.49
CA THR A 567 32.40 -8.25 45.19
C THR A 567 33.79 -7.66 44.94
N ILE A 568 34.41 -7.10 45.97
CA ILE A 568 35.77 -6.60 45.86
C ILE A 568 36.70 -7.75 45.51
N SER A 569 36.50 -8.90 46.15
CA SER A 569 37.27 -10.08 45.79
C SER A 569 37.03 -10.49 44.35
N ALA A 570 35.84 -10.16 43.80
CA ALA A 570 35.60 -10.44 42.39
C ALA A 570 36.46 -9.54 41.51
N LEU A 571 36.80 -8.34 41.99
CA LEU A 571 37.80 -7.54 41.30
C LEU A 571 39.19 -8.14 41.46
N ILE A 572 39.44 -8.80 42.59
CA ILE A 572 40.75 -9.41 42.81
C ILE A 572 40.99 -10.52 41.80
N LYS A 573 40.01 -11.42 41.64
CA LYS A 573 40.11 -12.41 40.58
C LYS A 573 40.08 -11.76 39.21
N ALA A 574 39.47 -10.58 39.11
CA ALA A 574 39.50 -9.78 37.89
C ALA A 574 40.80 -9.00 37.74
N GLU A 575 41.74 -9.17 38.68
CA GLU A 575 43.01 -8.42 38.75
C GLU A 575 42.80 -6.93 38.50
N LEU A 576 42.01 -6.33 39.39
CA LEU A 576 41.86 -4.89 39.49
C LEU A 576 42.50 -4.39 40.77
N ALA A 577 43.18 -3.24 40.67
CA ALA A 577 43.99 -2.73 41.77
C ALA A 577 43.45 -1.43 42.35
N GLU A 578 43.26 -0.39 41.55
CA GLU A 578 42.97 0.91 42.14
C GLU A 578 41.49 1.07 42.48
N LEU A 579 40.61 0.51 41.65
CA LEU A 579 39.17 0.62 41.90
C LEU A 579 38.77 0.13 43.29
N PRO A 580 39.23 -1.02 43.78
CA PRO A 580 38.87 -1.40 45.15
C PRO A 580 39.43 -0.47 46.21
N LEU A 581 40.47 0.30 45.88
CA LEU A 581 41.08 1.15 46.90
C LEU A 581 40.07 2.15 47.43
N ARG A 582 39.66 3.11 46.59
CA ARG A 582 38.65 4.07 47.01
C ARG A 582 37.39 3.36 47.49
N LEU A 583 37.07 2.22 46.87
CA LEU A 583 35.90 1.46 47.28
C LEU A 583 36.04 0.99 48.72
N PHE A 584 37.23 0.54 49.11
CA PHE A 584 37.48 0.28 50.53
C PHE A 584 37.39 1.56 51.35
N LEU A 585 37.87 2.68 50.80
CA LEU A 585 37.82 3.96 51.51
C LEU A 585 36.40 4.38 51.85
N GLN A 586 35.48 4.35 50.87
CA GLN A 586 34.08 4.56 51.23
C GLN A 586 33.58 3.49 52.17
N GLY A 587 33.99 2.24 51.97
CA GLY A 587 33.66 1.20 52.93
C GLY A 587 34.13 1.55 54.33
N ALA A 588 35.35 2.07 54.45
CA ALA A 588 35.78 2.62 55.72
C ALA A 588 34.93 3.82 56.12
N LEU A 589 34.64 4.70 55.17
CA LEU A 589 33.73 5.82 55.45
C LEU A 589 32.33 5.33 55.78
N ALA A 590 31.83 4.35 55.02
CA ALA A 590 30.49 3.83 55.28
C ALA A 590 30.41 3.18 56.65
N ALA A 591 31.42 2.41 57.02
CA ALA A 591 31.43 1.75 58.32
C ALA A 591 31.43 2.79 59.43
N GLY A 592 32.26 3.82 59.30
CA GLY A 592 32.41 4.80 60.35
C GLY A 592 31.29 5.80 60.45
N GLU A 593 30.41 5.86 59.46
CA GLU A 593 29.31 6.81 59.47
C GLU A 593 27.98 6.18 59.86
N ILE A 594 27.74 4.92 59.49
CA ILE A 594 26.48 4.28 59.81
C ILE A 594 26.39 3.97 61.29
N GLY A 595 27.45 3.38 61.86
CA GLY A 595 27.46 3.02 63.26
C GLY A 595 27.08 1.58 63.57
N PHE A 596 27.02 0.71 62.56
CA PHE A 596 26.67 -0.68 62.82
C PHE A 596 27.76 -1.35 63.65
N GLU A 597 27.38 -2.45 64.30
CA GLU A 597 28.27 -3.10 65.25
C GLU A 597 29.57 -3.56 64.59
N ASN A 598 30.68 -3.41 65.31
CA ASN A 598 32.02 -3.82 64.91
C ASN A 598 32.54 -3.02 63.72
N HIS A 599 31.91 -1.89 63.38
CA HIS A 599 32.28 -1.14 62.18
C HIS A 599 33.72 -0.62 62.23
N GLU A 600 34.22 -0.33 63.44
CA GLU A 600 35.58 0.18 63.56
C GLU A 600 36.58 -0.82 62.97
N THR A 601 36.52 -2.08 63.41
CA THR A 601 37.37 -3.11 62.83
C THR A 601 37.05 -3.39 61.38
N VAL A 602 35.77 -3.32 60.99
CA VAL A 602 35.40 -3.50 59.59
C VAL A 602 36.09 -2.43 58.73
N ALA A 603 36.04 -1.18 59.18
CA ALA A 603 36.82 -0.13 58.53
C ALA A 603 38.32 -0.41 58.66
N TYR A 604 38.75 -0.84 59.84
CA TYR A 604 40.14 -1.26 60.02
C TYR A 604 40.48 -2.40 59.08
N GLU A 605 39.65 -3.44 59.05
CA GLU A 605 39.88 -4.53 58.12
C GLU A 605 39.99 -4.01 56.70
N PHE A 606 39.03 -3.17 56.28
CA PHE A 606 39.12 -2.54 54.97
C PHE A 606 40.37 -1.66 54.86
N MET A 607 40.70 -0.94 55.94
CA MET A 607 41.91 -0.12 55.93
C MET A 607 43.15 -0.98 55.69
N SER A 608 43.16 -2.17 56.27
CA SER A 608 44.26 -3.10 56.02
C SER A 608 44.22 -3.61 54.59
N GLN A 609 43.03 -3.88 54.06
CA GLN A 609 42.91 -4.33 52.68
C GLN A 609 43.44 -3.29 51.71
N ALA A 610 42.94 -2.06 51.81
CA ALA A 610 43.40 -0.99 50.93
C ALA A 610 44.89 -0.75 51.09
N PHE A 611 45.38 -0.83 52.33
CA PHE A 611 46.81 -0.72 52.59
C PHE A 611 47.59 -1.80 51.85
N SER A 612 47.12 -3.03 51.92
CA SER A 612 47.80 -4.17 51.30
C SER A 612 47.78 -4.08 49.78
N LEU A 613 46.61 -3.75 49.20
CA LEU A 613 46.51 -3.68 47.75
C LEU A 613 47.43 -2.61 47.19
N TYR A 614 47.51 -1.47 47.88
CA TYR A 614 48.39 -0.39 47.45
C TYR A 614 49.85 -0.83 47.49
N GLU A 615 50.22 -1.59 48.52
CA GLU A 615 51.61 -1.97 48.72
C GLU A 615 52.05 -3.17 47.87
N ASP A 616 51.15 -3.78 47.11
CA ASP A 616 51.44 -5.07 46.47
C ASP A 616 52.13 -4.93 45.12
N GLU A 617 51.49 -4.27 44.16
CA GLU A 617 51.92 -4.36 42.78
C GLU A 617 52.19 -3.03 42.09
N ILE A 618 51.50 -1.95 42.48
CA ILE A 618 51.53 -0.73 41.69
C ILE A 618 52.96 -0.22 41.51
N SER A 619 53.34 0.02 40.25
CA SER A 619 54.67 0.46 39.89
C SER A 619 54.79 1.97 39.83
N ASP A 620 53.81 2.64 39.22
CA ASP A 620 53.85 4.08 39.08
C ASP A 620 53.69 4.76 40.43
N SER A 621 53.94 6.07 40.46
CA SER A 621 53.98 6.80 41.72
C SER A 621 52.74 7.64 41.94
N LYS A 622 52.27 8.32 40.89
CA LYS A 622 51.19 9.28 41.04
C LYS A 622 49.93 8.64 41.59
N ALA A 623 49.58 7.46 41.07
CA ALA A 623 48.41 6.75 41.57
C ALA A 623 48.57 6.42 43.06
N GLN A 624 49.76 5.93 43.44
CA GLN A 624 50.02 5.67 44.85
C GLN A 624 49.90 6.95 45.67
N LEU A 625 50.26 8.09 45.08
CA LEU A 625 50.08 9.38 45.72
C LEU A 625 48.61 9.62 45.99
N ALA A 626 47.79 9.44 44.96
CA ALA A 626 46.35 9.65 45.11
C ALA A 626 45.77 8.75 46.19
N ALA A 627 46.23 7.50 46.24
CA ALA A 627 45.73 6.56 47.25
C ALA A 627 45.93 7.11 48.65
N ILE A 628 47.19 7.29 49.05
CA ILE A 628 47.49 7.68 50.42
C ILE A 628 46.88 9.04 50.76
N THR A 629 46.88 9.97 49.82
CA THR A 629 46.24 11.27 50.07
C THR A 629 44.75 11.12 50.29
N LEU A 630 44.09 10.25 49.50
CA LEU A 630 42.69 9.98 49.78
C LEU A 630 42.52 9.10 51.00
N ILE A 631 43.47 8.20 51.28
CA ILE A 631 43.40 7.45 52.53
C ILE A 631 43.54 8.39 53.72
N ILE A 632 44.52 9.30 53.67
CA ILE A 632 44.77 10.17 54.80
C ILE A 632 43.62 11.16 54.98
N GLY A 633 43.02 11.62 53.87
CA GLY A 633 41.91 12.54 53.95
C GLY A 633 40.70 11.96 54.62
N THR A 634 40.34 10.73 54.23
CA THR A 634 39.24 10.04 54.89
C THR A 634 39.60 9.69 56.33
N PHE A 635 40.84 9.25 56.55
CA PHE A 635 41.24 8.78 57.87
C PHE A 635 41.16 9.89 58.90
N GLU A 636 41.55 11.11 58.53
CA GLU A 636 41.37 12.24 59.44
C GLU A 636 39.88 12.49 59.67
N ARG A 637 39.08 12.44 58.59
CA ARG A 637 37.64 12.52 58.74
C ARG A 637 37.08 11.30 59.46
N MET A 638 37.81 10.19 59.43
CA MET A 638 37.42 8.96 60.11
C MET A 638 37.67 9.14 61.60
N LYS A 639 36.78 9.87 62.28
CA LYS A 639 36.86 10.07 63.71
C LYS A 639 36.11 8.98 64.48
N CYS A 640 36.35 7.71 64.14
CA CYS A 640 35.84 6.60 64.93
C CYS A 640 36.95 5.63 65.29
N PHE A 641 38.08 5.70 64.58
CA PHE A 641 39.29 5.00 64.98
C PHE A 641 39.84 5.66 66.22
N SER A 642 39.73 4.99 67.36
CA SER A 642 40.34 5.50 68.58
C SER A 642 41.85 5.48 68.45
N GLU A 643 42.52 6.26 69.30
CA GLU A 643 43.98 6.35 69.21
C GLU A 643 44.66 5.03 69.56
N GLU A 644 43.89 4.03 70.01
CA GLU A 644 44.41 2.66 70.05
C GLU A 644 44.47 2.08 68.64
N ASN A 645 43.61 2.54 67.74
CA ASN A 645 43.61 2.15 66.34
C ASN A 645 44.07 3.26 65.42
N HIS A 646 43.74 4.52 65.76
CA HIS A 646 44.14 5.66 64.95
C HIS A 646 45.67 5.75 64.87
N GLU A 647 46.33 5.72 66.03
CA GLU A 647 47.79 5.85 66.04
C GLU A 647 48.49 4.73 65.28
N PRO A 648 48.16 3.44 65.45
CA PRO A 648 48.79 2.43 64.59
C PRO A 648 48.53 2.67 63.11
N LEU A 649 47.33 3.12 62.74
CA LEU A 649 47.07 3.47 61.36
C LEU A 649 47.73 4.80 61.00
N ARG A 650 47.82 5.72 61.95
CA ARG A 650 48.55 6.95 61.72
C ARG A 650 50.01 6.66 61.39
N THR A 651 50.63 5.76 62.15
CA THR A 651 51.99 5.34 61.83
C THR A 651 52.05 4.61 60.49
N GLN A 652 51.05 3.76 60.23
CA GLN A 652 51.05 3.02 58.97
C GLN A 652 50.89 3.96 57.77
N CYS A 653 50.09 5.02 57.94
CA CYS A 653 50.05 6.06 56.92
C CYS A 653 51.42 6.74 56.79
N ALA A 654 52.09 6.98 57.92
CA ALA A 654 53.46 7.46 57.87
C ALA A 654 54.38 6.42 57.25
N LEU A 655 54.12 5.14 57.54
CA LEU A 655 54.88 4.07 56.88
C LEU A 655 54.67 4.09 55.38
N ALA A 656 53.41 4.26 54.96
CA ALA A 656 53.07 4.22 53.54
C ALA A 656 53.78 5.34 52.78
N ALA A 657 53.82 6.54 53.37
CA ALA A 657 54.49 7.67 52.73
C ALA A 657 55.98 7.37 52.54
N SER A 658 56.61 6.76 53.55
CA SER A 658 58.04 6.52 53.51
C SER A 658 58.44 5.54 52.41
N LYS A 659 57.50 4.78 51.86
CA LYS A 659 57.80 3.78 50.85
C LYS A 659 57.87 4.36 49.44
N LEU A 660 57.98 5.68 49.30
CA LEU A 660 57.94 6.32 48.00
C LEU A 660 59.35 6.61 47.49
N LEU A 661 59.39 7.14 46.26
CA LEU A 661 60.67 7.33 45.56
C LEU A 661 61.10 8.79 45.53
N LYS A 662 60.25 9.68 45.04
CA LYS A 662 60.61 11.07 44.83
C LYS A 662 60.33 11.90 46.07
N LYS A 663 61.11 13.00 46.22
CA LYS A 663 61.12 13.74 47.48
C LYS A 663 59.86 14.57 47.70
N PRO A 664 59.51 15.54 46.83
CA PRO A 664 58.46 16.50 47.21
C PRO A 664 57.12 15.84 47.49
N ASP A 665 56.84 14.72 46.84
CA ASP A 665 55.60 14.00 47.08
C ASP A 665 55.50 13.52 48.52
N GLN A 666 56.62 13.01 49.06
CA GLN A 666 56.63 12.56 50.44
C GLN A 666 56.44 13.74 51.40
N GLY A 667 57.01 14.89 51.08
CA GLY A 667 56.88 16.05 51.95
C GLY A 667 55.43 16.47 52.13
N ARG A 668 54.66 16.42 51.05
CA ARG A 668 53.24 16.69 51.16
C ARG A 668 52.54 15.66 52.04
N ALA A 669 52.90 14.38 51.88
CA ALA A 669 52.24 13.32 52.63
C ALA A 669 52.46 13.48 54.13
N VAL A 670 53.71 13.67 54.54
CA VAL A 670 54.02 13.78 55.97
C VAL A 670 53.38 15.04 56.55
N SER A 671 53.32 16.12 55.76
CA SER A 671 52.66 17.33 56.21
C SER A 671 51.19 17.09 56.49
N THR A 672 50.54 16.33 55.60
CA THR A 672 49.14 15.98 55.83
C THR A 672 48.98 15.07 57.05
N CYS A 673 50.02 14.32 57.40
CA CYS A 673 49.96 13.47 58.59
C CYS A 673 49.83 14.28 59.86
N ALA A 674 50.24 15.55 59.84
CA ALA A 674 50.15 16.38 61.04
C ALA A 674 48.71 16.55 61.49
N HIS A 675 47.77 16.64 60.55
CA HIS A 675 46.36 16.78 60.91
C HIS A 675 45.82 15.56 61.65
N LEU A 676 46.49 14.41 61.53
CA LEU A 676 46.04 13.21 62.23
C LEU A 676 46.21 13.32 63.73
N PHE A 677 47.11 14.17 64.20
CA PHE A 677 47.28 14.44 65.63
C PHE A 677 46.30 15.48 66.14
N TRP A 678 45.24 15.74 65.37
CA TRP A 678 44.25 16.76 65.74
C TRP A 678 42.84 16.19 65.68
N ARG A 695 52.87 14.16 67.65
CA ARG A 695 52.35 15.52 67.77
C ARG A 695 52.45 16.24 66.42
N VAL A 696 51.67 17.31 66.25
CA VAL A 696 51.54 17.97 64.96
C VAL A 696 52.89 18.51 64.49
N MET A 697 53.57 19.27 65.36
CA MET A 697 54.83 19.89 64.94
C MET A 697 55.94 18.87 64.73
N GLU A 698 55.76 17.64 65.20
CA GLU A 698 56.75 16.61 64.95
C GLU A 698 56.91 16.38 63.44
N CYS A 699 55.79 16.10 62.76
CA CYS A 699 55.84 15.87 61.32
C CYS A 699 56.21 17.13 60.57
N LEU A 700 55.90 18.30 61.13
CA LEU A 700 56.26 19.55 60.48
C LEU A 700 57.77 19.71 60.38
N LYS A 701 58.49 19.31 61.44
CA LYS A 701 59.94 19.35 61.41
C LYS A 701 60.49 18.38 60.37
N LYS A 702 59.92 17.18 60.29
CA LYS A 702 60.31 16.23 59.25
C LYS A 702 60.00 16.79 57.86
N ALA A 703 58.85 17.45 57.73
CA ALA A 703 58.48 18.04 56.44
C ALA A 703 59.54 19.03 55.99
N LEU A 704 60.06 19.83 56.91
CA LEU A 704 61.17 20.72 56.60
C LEU A 704 62.40 19.94 56.14
N LYS A 705 62.69 18.83 56.83
CA LYS A 705 63.88 18.05 56.52
C LYS A 705 63.78 17.41 55.14
N ILE A 706 62.60 16.92 54.77
CA ILE A 706 62.44 16.24 53.49
C ILE A 706 62.64 17.21 52.32
N ALA A 707 62.47 18.51 52.58
CA ALA A 707 62.59 19.48 51.49
C ALA A 707 64.02 19.93 51.26
N ASN A 708 64.98 19.40 52.00
CA ASN A 708 66.33 19.97 51.98
C ASN A 708 67.28 19.21 51.06
N GLN A 709 66.81 18.14 50.41
CA GLN A 709 67.72 17.35 49.58
C GLN A 709 67.31 17.35 48.11
N CYS A 710 66.79 18.46 47.63
CA CYS A 710 66.36 18.58 46.24
C CYS A 710 67.37 19.41 45.45
N MET A 711 67.45 19.11 44.14
CA MET A 711 68.42 19.75 43.26
C MET A 711 67.90 21.07 42.69
N ASP A 712 66.76 21.04 42.01
CA ASP A 712 66.24 22.25 41.39
C ASP A 712 65.76 23.23 42.46
N PRO A 713 66.26 24.47 42.47
CA PRO A 713 65.75 25.43 43.46
C PRO A 713 64.35 25.92 43.14
N SER A 714 63.92 25.78 41.89
CA SER A 714 62.62 26.30 41.48
C SER A 714 61.48 25.64 42.25
N LEU A 715 61.54 24.31 42.39
CA LEU A 715 60.42 23.60 43.00
C LEU A 715 60.50 23.63 44.52
N GLN A 716 61.70 23.68 45.09
CA GLN A 716 61.84 23.51 46.53
C GLN A 716 61.35 24.74 47.29
N VAL A 717 61.24 25.89 46.62
CA VAL A 717 60.99 27.13 47.35
C VAL A 717 59.50 27.33 47.65
N GLN A 718 58.61 26.94 46.74
CA GLN A 718 57.18 27.07 47.06
C GLN A 718 56.76 26.00 48.06
N LEU A 719 57.46 24.86 48.06
CA LEU A 719 57.28 23.90 49.15
C LEU A 719 57.68 24.52 50.49
N PHE A 720 58.71 25.37 50.49
CA PHE A 720 59.03 26.12 51.70
C PHE A 720 57.85 26.99 52.11
N ILE A 721 57.21 27.63 51.13
CA ILE A 721 55.98 28.36 51.41
C ILE A 721 54.89 27.39 51.85
N GLU A 722 54.81 26.23 51.19
CA GLU A 722 53.79 25.25 51.56
C GLU A 722 54.06 24.65 52.94
N ILE A 723 55.21 24.94 53.53
CA ILE A 723 55.42 24.64 54.94
C ILE A 723 54.99 25.83 55.80
N LEU A 724 55.24 27.05 55.32
CA LEU A 724 54.88 28.25 56.06
C LEU A 724 53.38 28.31 56.33
N ASN A 725 52.60 28.23 55.26
CA ASN A 725 51.15 28.26 55.38
C ASN A 725 50.64 27.08 56.18
N ARG A 726 51.30 25.92 56.06
CA ARG A 726 50.99 24.80 56.93
C ARG A 726 51.24 25.16 58.39
N TYR A 727 52.35 25.85 58.67
CA TYR A 727 52.54 26.41 60.00
C TYR A 727 51.47 27.45 60.31
N ILE A 728 51.09 28.24 59.32
CA ILE A 728 50.09 29.29 59.53
C ILE A 728 48.77 28.67 59.98
N TYR A 729 48.34 27.60 59.31
CA TYR A 729 47.06 26.97 59.63
C TYR A 729 47.07 26.43 61.05
N PHE A 730 48.13 25.71 61.43
CA PHE A 730 48.19 25.15 62.78
C PHE A 730 48.49 26.22 63.82
N TYR A 731 49.12 27.32 63.42
CA TYR A 731 49.32 28.45 64.32
C TYR A 731 47.99 29.05 64.74
N GLU A 732 47.06 29.17 63.79
CA GLU A 732 45.75 29.73 64.06
C GLU A 732 44.80 28.74 64.71
N LYS A 733 45.21 27.49 64.87
CA LYS A 733 44.37 26.48 65.53
C LYS A 733 44.50 26.59 67.05
N THR A 739 55.56 26.16 68.15
CA THR A 739 54.34 26.15 67.33
C THR A 739 54.17 27.48 66.60
N ILE A 740 54.67 28.55 67.21
CA ILE A 740 54.36 29.90 66.75
C ILE A 740 55.62 30.57 66.22
N GLN A 741 56.73 30.46 66.95
CA GLN A 741 57.93 31.20 66.59
C GLN A 741 58.63 30.62 65.37
N VAL A 742 58.39 29.34 65.06
CA VAL A 742 59.00 28.72 63.89
C VAL A 742 58.56 29.45 62.63
N LEU A 743 57.36 30.03 62.65
CA LEU A 743 56.87 30.79 61.51
C LEU A 743 57.78 31.98 61.22
N ASN A 744 58.20 32.71 62.26
CA ASN A 744 58.99 33.92 62.05
C ASN A 744 60.34 33.61 61.41
N GLN A 745 61.06 32.64 61.97
CA GLN A 745 62.40 32.32 61.47
C GLN A 745 62.34 31.79 60.04
N LEU A 746 61.34 30.97 59.74
CA LEU A 746 61.24 30.37 58.41
C LEU A 746 60.96 31.42 57.34
N ILE A 747 60.21 32.46 57.68
CA ILE A 747 59.99 33.57 56.74
C ILE A 747 61.31 34.24 56.42
N GLN A 748 62.14 34.47 57.44
CA GLN A 748 63.46 35.03 57.20
C GLN A 748 64.33 34.09 56.36
N LYS A 749 64.20 32.79 56.59
CA LYS A 749 65.04 31.82 55.88
C LYS A 749 64.77 31.82 54.39
N ILE A 750 63.50 31.92 53.98
CA ILE A 750 63.20 31.88 52.55
C ILE A 750 63.67 33.17 51.88
N ARG A 751 63.86 34.24 52.66
CA ARG A 751 64.24 35.53 52.08
C ARG A 751 65.57 35.45 51.35
N GLU A 752 66.58 34.80 51.95
CA GLU A 752 67.84 34.62 51.24
C GLU A 752 67.73 33.49 50.23
N ASP A 753 66.85 32.52 50.47
CA ASP A 753 66.68 31.40 49.55
C ASP A 753 66.00 31.82 48.26
N LEU A 754 65.31 32.98 48.25
CA LEU A 754 64.52 33.35 47.08
C LEU A 754 65.37 33.88 45.92
N PRO A 755 66.15 34.95 46.08
CA PRO A 755 66.68 35.64 44.90
C PRO A 755 67.84 34.94 44.21
N ASN A 756 68.44 33.92 44.82
CA ASN A 756 69.64 33.29 44.27
C ASN A 756 69.27 32.26 43.21
N LEU A 757 68.81 32.79 42.07
CA LEU A 757 68.40 31.93 40.96
C LEU A 757 68.30 32.77 39.68
N GLU A 758 68.40 32.08 38.55
CA GLU A 758 68.02 32.66 37.26
C GLU A 758 66.51 32.49 37.08
N SER A 759 65.89 33.39 36.33
CA SER A 759 64.43 33.54 36.43
C SER A 759 63.80 33.19 35.08
N SER A 760 62.52 32.84 35.14
CA SER A 760 61.67 32.64 33.99
C SER A 760 60.26 33.08 34.38
N GLU A 761 59.27 32.66 33.60
CA GLU A 761 57.90 33.11 33.84
C GLU A 761 57.34 32.56 35.14
N GLU A 762 58.05 31.63 35.78
CA GLU A 762 57.56 31.05 37.02
C GLU A 762 58.15 31.74 38.24
N THR A 763 59.21 32.52 38.05
CA THR A 763 59.84 33.18 39.19
C THR A 763 58.94 34.28 39.76
N GLU A 764 58.41 35.14 38.90
CA GLU A 764 57.62 36.27 39.39
C GLU A 764 56.29 35.81 39.97
N GLN A 765 55.81 34.63 39.57
CA GLN A 765 54.54 34.15 40.08
C GLN A 765 54.65 33.85 41.57
N ILE A 766 55.81 33.36 42.02
CA ILE A 766 55.96 33.06 43.44
C ILE A 766 56.40 34.29 44.20
N ASN A 767 57.01 35.27 43.53
CA ASN A 767 57.38 36.50 44.21
C ASN A 767 56.14 37.28 44.67
N LYS A 768 55.19 37.50 43.76
CA LYS A 768 53.95 38.14 44.17
C LYS A 768 53.11 37.20 45.02
N HIS A 769 53.29 35.90 44.83
CA HIS A 769 52.69 34.93 45.75
C HIS A 769 53.21 35.17 47.16
N PHE A 770 54.53 35.30 47.31
CA PHE A 770 55.11 35.59 48.61
C PHE A 770 54.62 36.94 49.13
N HIS A 771 54.61 37.96 48.27
CA HIS A 771 54.14 39.26 48.70
C HIS A 771 52.68 39.22 49.10
N ASN A 772 51.85 38.50 48.32
CA ASN A 772 50.46 38.28 48.72
C ASN A 772 50.39 37.40 49.95
N THR A 773 51.32 36.45 50.09
CA THR A 773 51.39 35.65 51.31
C THR A 773 51.61 36.55 52.53
N LEU A 774 52.47 37.56 52.38
CA LEU A 774 52.65 38.54 53.44
C LEU A 774 51.38 39.32 53.69
N GLU A 775 50.56 39.52 52.65
CA GLU A 775 49.37 40.34 52.78
C GLU A 775 48.28 39.67 53.62
N HIS A 776 48.27 38.34 53.70
CA HIS A 776 47.35 37.67 54.61
C HIS A 776 47.92 37.55 56.01
N LEU A 777 49.23 37.30 56.12
CA LEU A 777 49.92 37.51 57.39
C LEU A 777 49.83 38.96 57.82
N ARG A 778 49.62 39.87 56.88
CA ARG A 778 49.22 41.24 57.18
C ARG A 778 47.77 41.21 57.64
N SER A 779 47.55 40.94 58.91
CA SER A 779 46.22 40.86 59.51
C SER A 779 45.93 42.14 60.30
N ARG A 780 46.40 43.27 59.79
CA ARG A 780 46.32 44.54 60.48
C ARG A 780 44.91 45.10 60.42
N PHE B 8 -46.66 9.82 -92.17
CA PHE B 8 -48.11 9.83 -92.11
C PHE B 8 -48.59 9.49 -90.69
N GLY B 9 -47.70 8.91 -89.90
CA GLY B 9 -48.00 8.55 -88.53
C GLY B 9 -48.94 7.38 -88.42
N PRO B 10 -49.49 7.16 -87.23
CA PRO B 10 -50.43 6.05 -87.04
C PRO B 10 -51.84 6.42 -87.47
N ILE B 11 -52.54 5.42 -88.00
CA ILE B 11 -53.91 5.63 -88.44
C ILE B 11 -54.85 5.73 -87.26
N CYS B 12 -54.56 4.98 -86.19
CA CYS B 12 -55.39 5.00 -84.99
C CYS B 12 -54.58 4.47 -83.82
N GLU B 13 -54.66 5.16 -82.68
CA GLU B 13 -53.96 4.77 -81.47
C GLU B 13 -54.92 4.07 -80.53
N ILE B 14 -54.49 2.93 -79.98
CA ILE B 14 -55.29 2.17 -79.03
C ILE B 14 -54.88 2.58 -77.62
N ASP B 15 -55.85 3.09 -76.85
CA ASP B 15 -55.61 3.53 -75.48
C ASP B 15 -56.57 2.78 -74.57
N VAL B 16 -56.03 2.09 -73.57
CA VAL B 16 -56.81 1.28 -72.65
C VAL B 16 -56.83 1.96 -71.29
N ALA B 17 -58.01 2.36 -70.84
CA ALA B 17 -58.20 2.95 -69.52
C ALA B 17 -59.22 2.10 -68.78
N LEU B 18 -58.84 1.61 -67.60
CA LEU B 18 -59.72 0.73 -66.84
C LEU B 18 -60.76 1.54 -66.08
N ASN B 19 -61.93 0.92 -65.83
CA ASN B 19 -62.95 1.60 -65.05
C ASN B 19 -62.54 1.75 -63.60
N ASP B 20 -61.63 0.91 -63.12
CA ASP B 20 -61.09 1.00 -61.76
C ASP B 20 -59.58 1.07 -61.79
N GLY B 21 -59.04 1.91 -62.68
CA GLY B 21 -57.62 2.12 -62.83
C GLY B 21 -57.03 3.17 -61.92
N GLU B 22 -57.76 3.58 -60.89
CA GLU B 22 -57.28 4.59 -59.94
C GLU B 22 -57.21 4.09 -58.51
N THR B 23 -57.76 2.90 -58.23
CA THR B 23 -57.90 2.41 -56.85
C THR B 23 -56.60 1.92 -56.26
N ARG B 24 -56.63 1.61 -54.96
CA ARG B 24 -55.52 1.01 -54.22
C ARG B 24 -54.22 1.76 -54.34
N LYS B 25 -53.17 1.08 -54.80
CA LYS B 25 -51.83 1.65 -54.87
C LYS B 25 -51.01 0.89 -55.91
N MET B 26 -49.70 1.07 -55.89
CA MET B 26 -48.83 0.36 -56.81
C MET B 26 -47.74 -0.37 -56.03
N ALA B 27 -47.30 -1.53 -56.53
CA ALA B 27 -46.36 -2.35 -55.77
C ALA B 27 -45.02 -2.49 -56.47
N GLU B 28 -45.02 -2.46 -57.80
CA GLU B 28 -43.82 -2.40 -58.64
C GLU B 28 -43.01 -3.70 -58.60
N MET B 29 -42.31 -3.98 -59.71
CA MET B 29 -41.39 -5.11 -59.83
C MET B 29 -40.25 -4.71 -60.76
N LYS B 30 -39.10 -5.35 -60.61
CA LYS B 30 -37.93 -5.01 -61.41
C LYS B 30 -37.87 -5.88 -62.66
N THR B 31 -37.76 -5.23 -63.82
CA THR B 31 -37.75 -5.93 -65.10
C THR B 31 -36.31 -6.09 -65.59
N GLU B 32 -36.16 -6.50 -66.86
CA GLU B 32 -34.84 -6.73 -67.43
C GLU B 32 -34.08 -5.42 -67.58
N ASP B 33 -32.74 -5.54 -67.58
CA ASP B 33 -31.82 -4.40 -67.56
C ASP B 33 -32.01 -3.52 -66.32
N GLY B 34 -32.69 -4.02 -65.29
CA GLY B 34 -32.94 -3.26 -64.10
C GLY B 34 -34.02 -2.21 -64.26
N LYS B 35 -34.75 -2.27 -65.38
CA LYS B 35 -35.77 -1.27 -65.65
C LYS B 35 -36.94 -1.46 -64.69
N VAL B 36 -37.63 -0.38 -64.38
CA VAL B 36 -38.57 -0.31 -63.27
C VAL B 36 -39.95 0.00 -63.87
N GLU B 37 -40.72 -1.05 -64.14
CA GLU B 37 -42.02 -0.90 -64.80
C GLU B 37 -43.17 -1.19 -63.85
N LYS B 38 -44.25 -0.43 -64.03
CA LYS B 38 -45.40 -0.46 -63.13
C LYS B 38 -46.66 -0.74 -63.94
N HIS B 39 -47.40 -1.78 -63.56
CA HIS B 39 -48.62 -2.17 -64.25
C HIS B 39 -49.65 -2.61 -63.23
N TYR B 40 -50.93 -2.46 -63.60
CA TYR B 40 -52.03 -2.53 -62.64
C TYR B 40 -52.01 -3.84 -61.87
N LEU B 41 -52.01 -3.74 -60.54
CA LEU B 41 -52.02 -4.92 -59.68
C LEU B 41 -53.44 -5.44 -59.53
N PHE B 42 -53.63 -6.73 -59.81
CA PHE B 42 -54.92 -7.40 -59.73
C PHE B 42 -54.79 -8.60 -58.79
N TYR B 43 -55.88 -9.33 -58.62
CA TYR B 43 -55.88 -10.57 -57.86
C TYR B 43 -56.91 -11.53 -58.46
N ASP B 44 -56.71 -12.82 -58.21
CA ASP B 44 -57.62 -13.83 -58.74
C ASP B 44 -59.02 -13.60 -58.18
N GLY B 45 -60.02 -13.71 -59.06
CA GLY B 45 -61.39 -13.47 -58.72
C GLY B 45 -61.85 -12.04 -58.89
N GLU B 46 -60.95 -11.15 -59.34
CA GLU B 46 -61.33 -9.76 -59.54
C GLU B 46 -61.63 -9.49 -61.01
N SER B 47 -62.75 -8.83 -61.27
CA SER B 47 -63.13 -8.47 -62.62
C SER B 47 -62.33 -7.29 -63.11
N VAL B 48 -62.12 -7.24 -64.42
CA VAL B 48 -61.45 -6.12 -65.09
C VAL B 48 -62.43 -5.47 -66.04
N SER B 49 -62.44 -4.14 -66.06
CA SER B 49 -63.38 -3.41 -66.90
C SER B 49 -62.78 -2.06 -67.25
N GLY B 50 -63.05 -1.61 -68.46
CA GLY B 50 -62.50 -0.34 -68.91
C GLY B 50 -63.05 0.06 -70.26
N LYS B 51 -62.42 1.08 -70.84
CA LYS B 51 -62.80 1.58 -72.16
C LYS B 51 -61.57 1.58 -73.05
N VAL B 52 -61.70 0.99 -74.24
CA VAL B 52 -60.63 1.00 -75.23
C VAL B 52 -60.81 2.27 -76.06
N ASN B 53 -60.02 3.30 -75.76
CA ASN B 53 -60.10 4.57 -76.46
C ASN B 53 -59.32 4.44 -77.77
N LEU B 54 -60.03 4.16 -78.86
CA LEU B 54 -59.42 4.00 -80.18
C LEU B 54 -59.29 5.39 -80.82
N ALA B 55 -58.28 6.12 -80.37
CA ALA B 55 -58.05 7.49 -80.84
C ALA B 55 -57.64 7.46 -82.30
N PHE B 56 -58.55 7.84 -83.18
CA PHE B 56 -58.28 7.89 -84.61
C PHE B 56 -57.55 9.19 -84.93
N LYS B 57 -56.41 9.08 -85.62
CA LYS B 57 -55.46 10.18 -85.71
C LYS B 57 -55.46 10.92 -87.04
N GLN B 58 -55.68 10.24 -88.16
CA GLN B 58 -55.54 10.87 -89.46
C GLN B 58 -56.88 11.38 -89.97
N PRO B 59 -57.10 12.69 -90.01
CA PRO B 59 -58.36 13.20 -90.56
C PRO B 59 -58.45 12.97 -92.06
N GLY B 60 -59.67 12.81 -92.54
CA GLY B 60 -59.90 12.62 -93.97
C GLY B 60 -59.76 11.17 -94.40
N LYS B 61 -58.91 10.42 -93.71
CA LYS B 61 -58.70 9.02 -94.01
C LYS B 61 -59.68 8.16 -93.22
N ARG B 62 -59.68 6.85 -93.52
CA ARG B 62 -60.59 5.92 -92.88
C ARG B 62 -59.84 4.65 -92.48
N LEU B 63 -60.27 4.04 -91.39
CA LEU B 63 -59.70 2.79 -90.89
C LEU B 63 -60.70 1.66 -91.12
N GLU B 64 -60.55 0.95 -92.23
CA GLU B 64 -61.31 -0.27 -92.47
C GLU B 64 -60.72 -1.40 -91.64
N HIS B 65 -61.59 -2.30 -91.17
CA HIS B 65 -61.16 -3.40 -90.32
C HIS B 65 -62.14 -4.56 -90.42
N GLN B 66 -61.66 -5.74 -90.06
CA GLN B 66 -62.47 -6.94 -89.97
C GLN B 66 -62.77 -7.31 -88.52
N GLY B 67 -62.95 -6.30 -87.68
CA GLY B 67 -63.33 -6.53 -86.30
C GLY B 67 -62.47 -5.78 -85.30
N ILE B 68 -63.00 -5.57 -84.10
CA ILE B 68 -62.28 -4.92 -83.00
C ILE B 68 -62.56 -5.74 -81.75
N ARG B 69 -61.51 -6.22 -81.10
CA ARG B 69 -61.66 -7.00 -79.88
C ARG B 69 -60.51 -6.70 -78.92
N ILE B 70 -60.76 -6.98 -77.64
CA ILE B 70 -59.76 -6.91 -76.60
C ILE B 70 -59.69 -8.26 -75.91
N GLU B 71 -58.47 -8.75 -75.66
CA GLU B 71 -58.26 -10.05 -75.07
C GLU B 71 -57.44 -9.93 -73.80
N PHE B 72 -57.98 -10.44 -72.69
CA PHE B 72 -57.20 -10.64 -71.48
C PHE B 72 -56.37 -11.91 -71.67
N VAL B 73 -55.07 -11.74 -71.92
CA VAL B 73 -54.19 -12.84 -72.27
C VAL B 73 -53.18 -13.03 -71.15
N GLY B 74 -53.39 -14.05 -70.32
CA GLY B 74 -52.43 -14.42 -69.30
C GLY B 74 -51.53 -15.54 -69.77
N GLN B 75 -50.27 -15.21 -70.04
CA GLN B 75 -49.40 -16.12 -70.76
C GLN B 75 -47.99 -16.08 -70.20
N ILE B 76 -47.28 -17.20 -70.34
CA ILE B 76 -45.88 -17.33 -69.96
C ILE B 76 -45.05 -17.52 -71.22
N GLU B 77 -43.98 -16.74 -71.33
CA GLU B 77 -43.01 -16.87 -72.39
C GLU B 77 -41.75 -17.49 -71.81
N LEU B 78 -41.27 -18.58 -72.41
CA LEU B 78 -40.12 -19.31 -71.90
C LEU B 78 -38.95 -19.22 -72.87
N PHE B 79 -37.75 -19.07 -72.30
CA PHE B 79 -36.49 -19.17 -73.04
C PHE B 79 -36.37 -18.16 -74.17
N ASN B 80 -37.04 -17.01 -74.02
CA ASN B 80 -36.97 -15.91 -74.99
C ASN B 80 -37.31 -16.39 -76.40
N ASP B 81 -38.35 -17.21 -76.53
CA ASP B 81 -38.75 -17.78 -77.79
C ASP B 81 -40.22 -17.49 -78.05
N LYS B 82 -40.54 -17.12 -79.29
CA LYS B 82 -41.93 -16.81 -79.63
C LYS B 82 -42.69 -18.02 -80.15
N SER B 83 -42.00 -19.14 -80.39
CA SER B 83 -42.67 -20.30 -80.98
C SER B 83 -43.40 -21.12 -79.92
N ASN B 84 -43.16 -20.87 -78.64
CA ASN B 84 -43.86 -21.56 -77.57
C ASN B 84 -44.47 -20.58 -76.57
N THR B 85 -44.86 -19.39 -77.02
CA THR B 85 -45.61 -18.48 -76.16
C THR B 85 -46.94 -19.12 -75.80
N HIS B 86 -47.17 -19.37 -74.52
CA HIS B 86 -48.26 -20.21 -74.06
C HIS B 86 -49.20 -19.38 -73.20
N GLU B 87 -50.44 -19.23 -73.65
CA GLU B 87 -51.47 -18.51 -72.90
C GLU B 87 -52.23 -19.50 -72.03
N PHE B 88 -52.03 -19.39 -70.71
CA PHE B 88 -52.85 -20.18 -69.78
C PHE B 88 -54.09 -19.41 -69.31
N VAL B 89 -54.13 -18.10 -69.53
CA VAL B 89 -55.34 -17.31 -69.30
C VAL B 89 -55.67 -16.61 -70.62
N ASN B 90 -56.90 -16.81 -71.10
CA ASN B 90 -57.30 -16.24 -72.39
C ASN B 90 -58.80 -15.94 -72.33
N LEU B 91 -59.13 -14.68 -72.06
CA LEU B 91 -60.50 -14.20 -72.14
C LEU B 91 -60.56 -13.08 -73.18
N VAL B 92 -61.59 -13.12 -74.03
CA VAL B 92 -61.70 -12.21 -75.16
C VAL B 92 -63.05 -11.51 -75.11
N LYS B 93 -63.05 -10.19 -75.26
CA LYS B 93 -64.26 -9.39 -75.39
C LYS B 93 -64.24 -8.73 -76.76
N GLU B 94 -65.33 -8.90 -77.52
CA GLU B 94 -65.45 -8.28 -78.83
C GLU B 94 -66.00 -6.87 -78.69
N LEU B 95 -65.23 -5.90 -79.19
CA LEU B 95 -65.65 -4.50 -79.11
C LEU B 95 -66.44 -4.06 -80.35
N ALA B 96 -66.00 -4.46 -81.53
CA ALA B 96 -66.70 -4.13 -82.76
C ALA B 96 -66.50 -5.23 -83.78
N LEU B 97 -67.48 -5.39 -84.66
CA LEU B 97 -67.42 -6.34 -85.76
C LEU B 97 -66.66 -5.69 -86.91
N PRO B 98 -66.43 -6.41 -88.03
CA PRO B 98 -65.87 -5.78 -89.22
C PRO B 98 -66.59 -4.49 -89.61
N GLY B 99 -65.81 -3.43 -89.83
CA GLY B 99 -66.39 -2.13 -90.13
C GLY B 99 -65.37 -1.05 -90.34
N GLU B 100 -65.65 0.16 -89.83
CA GLU B 100 -64.80 1.32 -90.05
C GLU B 100 -64.59 2.08 -88.75
N LEU B 101 -63.47 2.80 -88.68
CA LEU B 101 -63.18 3.73 -87.59
C LEU B 101 -62.83 5.08 -88.20
N THR B 102 -63.72 6.05 -88.07
CA THR B 102 -63.50 7.38 -88.60
C THR B 102 -63.22 8.42 -87.52
N GLN B 103 -63.25 8.04 -86.25
CA GLN B 103 -63.04 8.98 -85.15
C GLN B 103 -62.68 8.19 -83.90
N SER B 104 -62.36 8.93 -82.84
CA SER B 104 -62.02 8.30 -81.57
C SER B 104 -63.26 7.71 -80.92
N ARG B 105 -63.45 6.40 -81.08
CA ARG B 105 -64.61 5.71 -80.55
C ARG B 105 -64.23 4.96 -79.29
N SER B 106 -65.02 5.11 -78.24
CA SER B 106 -64.78 4.45 -76.97
C SER B 106 -65.58 3.16 -76.91
N TYR B 107 -64.88 2.04 -76.74
CA TYR B 107 -65.51 0.73 -76.62
C TYR B 107 -65.42 0.26 -75.18
N ASP B 108 -66.57 -0.10 -74.61
CA ASP B 108 -66.61 -0.57 -73.23
C ASP B 108 -66.36 -2.07 -73.18
N PHE B 109 -65.39 -2.48 -72.37
CA PHE B 109 -65.07 -3.90 -72.20
C PHE B 109 -65.06 -4.24 -70.73
N GLU B 110 -65.42 -5.48 -70.42
CA GLU B 110 -65.40 -5.96 -69.05
C GLU B 110 -65.33 -7.48 -69.06
N PHE B 111 -64.26 -8.03 -68.50
CA PHE B 111 -64.10 -9.48 -68.39
C PHE B 111 -64.52 -9.88 -66.97
N MET B 112 -65.62 -10.62 -66.86
CA MET B 112 -66.19 -10.94 -65.56
C MET B 112 -65.29 -11.89 -64.78
N GLN B 113 -64.83 -11.42 -63.63
CA GLN B 113 -64.10 -12.25 -62.65
C GLN B 113 -62.97 -13.03 -63.31
N VAL B 114 -61.97 -12.28 -63.79
CA VAL B 114 -60.84 -12.88 -64.50
C VAL B 114 -60.14 -13.87 -63.60
N GLU B 115 -60.11 -15.13 -64.00
CA GLU B 115 -59.35 -16.14 -63.27
C GLU B 115 -57.86 -15.92 -63.45
N LYS B 116 -57.14 -15.88 -62.34
CA LYS B 116 -55.70 -15.59 -62.33
C LYS B 116 -55.00 -16.61 -61.44
N PRO B 117 -54.66 -17.78 -62.00
CA PRO B 117 -54.13 -18.86 -61.16
C PRO B 117 -52.71 -18.63 -60.68
N TYR B 118 -51.95 -17.71 -61.28
CA TYR B 118 -50.57 -17.51 -60.89
C TYR B 118 -50.27 -16.02 -60.80
N GLU B 119 -49.25 -15.69 -60.01
CA GLU B 119 -48.79 -14.33 -59.85
C GLU B 119 -47.92 -13.91 -61.04
N SER B 120 -47.99 -12.63 -61.40
CA SER B 120 -47.14 -12.12 -62.46
C SER B 120 -45.69 -12.04 -62.00
N TYR B 121 -44.89 -13.02 -62.43
CA TYR B 121 -43.48 -13.10 -62.07
C TYR B 121 -42.64 -13.08 -63.32
N ILE B 122 -41.47 -12.44 -63.22
CA ILE B 122 -40.54 -12.30 -64.34
C ILE B 122 -39.20 -12.86 -63.92
N GLY B 123 -38.72 -13.87 -64.62
CA GLY B 123 -37.38 -14.41 -64.44
C GLY B 123 -36.49 -14.07 -65.61
N ALA B 124 -35.38 -14.81 -65.74
CA ALA B 124 -34.48 -14.65 -66.87
C ALA B 124 -35.03 -15.33 -68.13
N ASN B 125 -35.20 -16.66 -68.07
CA ASN B 125 -35.86 -17.41 -69.12
C ASN B 125 -37.34 -17.59 -68.84
N VAL B 126 -37.86 -16.97 -67.79
CA VAL B 126 -39.26 -17.07 -67.38
C VAL B 126 -39.84 -15.66 -67.40
N ARG B 127 -41.02 -15.50 -68.01
CA ARG B 127 -41.68 -14.20 -68.01
C ARG B 127 -43.18 -14.45 -68.02
N LEU B 128 -43.80 -14.39 -66.84
CA LEU B 128 -45.23 -14.54 -66.68
C LEU B 128 -45.85 -13.15 -66.63
N ARG B 129 -46.72 -12.86 -67.60
CA ARG B 129 -47.34 -11.55 -67.71
C ARG B 129 -48.84 -11.70 -67.92
N TYR B 130 -49.61 -10.75 -67.40
CA TYR B 130 -51.01 -10.58 -67.74
C TYR B 130 -51.20 -9.24 -68.43
N PHE B 131 -52.00 -9.24 -69.50
CA PHE B 131 -52.15 -8.02 -70.27
C PHE B 131 -53.45 -8.09 -71.06
N LEU B 132 -53.97 -6.91 -71.40
CA LEU B 132 -55.12 -6.78 -72.28
C LEU B 132 -54.62 -6.42 -73.68
N LYS B 133 -54.78 -7.34 -74.63
CA LYS B 133 -54.32 -7.14 -76.00
C LYS B 133 -55.53 -6.80 -76.86
N VAL B 134 -55.54 -5.59 -77.40
CA VAL B 134 -56.59 -5.16 -78.32
C VAL B 134 -56.12 -5.49 -79.74
N THR B 135 -56.90 -6.32 -80.44
CA THR B 135 -56.58 -6.74 -81.79
C THR B 135 -57.70 -6.31 -82.72
N ILE B 136 -57.47 -5.22 -83.45
CA ILE B 136 -58.36 -4.78 -84.51
C ILE B 136 -57.88 -5.42 -85.80
N VAL B 137 -58.66 -6.37 -86.31
CA VAL B 137 -58.24 -7.14 -87.48
C VAL B 137 -58.29 -6.26 -88.72
N ARG B 138 -57.11 -5.91 -89.22
CA ARG B 138 -56.99 -5.18 -90.48
C ARG B 138 -56.66 -6.18 -91.60
N ARG B 139 -56.60 -5.67 -92.83
CA ARG B 139 -56.44 -6.55 -93.98
C ARG B 139 -55.09 -7.26 -93.96
N LEU B 140 -54.05 -6.59 -93.49
CA LEU B 140 -52.74 -7.26 -93.44
C LEU B 140 -52.08 -7.19 -92.08
N THR B 141 -52.22 -6.09 -91.34
CA THR B 141 -51.56 -5.93 -90.05
C THR B 141 -52.58 -5.50 -89.01
N ASP B 142 -52.86 -6.38 -88.05
CA ASP B 142 -53.74 -6.03 -86.94
C ASP B 142 -52.97 -5.19 -85.93
N LEU B 143 -53.53 -4.04 -85.57
CA LEU B 143 -52.91 -3.20 -84.56
C LEU B 143 -52.98 -3.87 -83.19
N VAL B 144 -51.87 -4.43 -82.74
CA VAL B 144 -51.80 -5.17 -81.49
C VAL B 144 -51.23 -4.22 -80.43
N LYS B 145 -52.09 -3.78 -79.52
CA LYS B 145 -51.69 -2.91 -78.42
C LYS B 145 -51.79 -3.71 -77.13
N GLU B 146 -50.68 -3.77 -76.39
CA GLU B 146 -50.60 -4.54 -75.16
C GLU B 146 -50.66 -3.61 -73.96
N TYR B 147 -51.39 -4.04 -72.93
CA TYR B 147 -51.58 -3.24 -71.72
C TYR B 147 -51.30 -4.17 -70.54
N ASP B 148 -50.05 -4.22 -70.10
CA ASP B 148 -49.62 -5.18 -69.09
C ASP B 148 -50.32 -4.95 -67.76
N LEU B 149 -50.56 -6.05 -67.04
CA LEU B 149 -51.28 -6.03 -65.78
C LEU B 149 -50.59 -6.97 -64.80
N ILE B 150 -50.13 -6.43 -63.67
CA ILE B 150 -49.46 -7.24 -62.66
C ILE B 150 -50.50 -7.90 -61.77
N VAL B 151 -50.24 -9.15 -61.39
CA VAL B 151 -51.18 -9.92 -60.56
C VAL B 151 -50.38 -10.68 -59.52
N HIS B 152 -50.94 -10.78 -58.32
CA HIS B 152 -50.31 -11.46 -57.20
C HIS B 152 -51.03 -12.78 -56.90
N GLN B 153 -50.41 -13.59 -56.05
CA GLN B 153 -50.99 -14.85 -55.61
C GLN B 153 -51.18 -14.82 -54.11
N LEU B 154 -52.42 -14.61 -53.67
CA LEU B 154 -52.73 -14.33 -52.28
C LEU B 154 -52.89 -15.61 -51.47
N ALA B 155 -52.54 -15.51 -50.19
CA ALA B 155 -52.67 -16.59 -49.22
C ALA B 155 -52.45 -16.00 -47.82
N THR B 156 -53.23 -16.49 -46.85
CA THR B 156 -53.18 -15.98 -45.49
C THR B 156 -52.11 -16.78 -44.73
N TYR B 157 -52.03 -16.59 -43.41
CA TYR B 157 -51.02 -17.26 -42.61
C TYR B 157 -51.19 -18.78 -42.70
N PRO B 158 -50.12 -19.55 -42.64
CA PRO B 158 -50.27 -21.00 -42.67
C PRO B 158 -50.67 -21.55 -41.32
N ASP B 159 -51.35 -22.71 -41.37
CA ASP B 159 -51.79 -23.35 -40.13
C ASP B 159 -50.60 -23.70 -39.24
N VAL B 160 -49.60 -24.37 -39.82
CA VAL B 160 -48.40 -24.77 -39.08
C VAL B 160 -47.18 -24.29 -39.86
N ASN B 161 -46.23 -23.69 -39.12
CA ASN B 161 -44.94 -23.31 -39.67
C ASN B 161 -43.89 -23.92 -38.75
N ASN B 162 -43.53 -25.17 -39.01
CA ASN B 162 -42.78 -26.00 -38.08
C ASN B 162 -41.34 -25.54 -37.95
N SER B 163 -40.73 -25.90 -36.82
CA SER B 163 -39.35 -25.52 -36.54
C SER B 163 -38.37 -26.50 -37.18
N ILE B 164 -37.62 -26.03 -38.18
CA ILE B 164 -36.57 -26.85 -38.78
C ILE B 164 -35.40 -26.89 -37.80
N LYS B 165 -35.27 -27.99 -37.08
CA LYS B 165 -34.27 -28.15 -36.04
C LYS B 165 -33.42 -29.36 -36.38
N MET B 166 -32.21 -29.11 -36.91
CA MET B 166 -31.38 -30.15 -37.50
C MET B 166 -29.95 -30.03 -37.01
N GLU B 167 -29.26 -31.16 -36.98
CA GLU B 167 -27.84 -31.23 -36.63
C GLU B 167 -27.04 -31.43 -37.92
N VAL B 168 -26.09 -30.53 -38.17
CA VAL B 168 -25.19 -30.63 -39.30
C VAL B 168 -23.78 -30.32 -38.84
N GLY B 169 -22.80 -30.81 -39.60
CA GLY B 169 -21.41 -30.58 -39.29
C GLY B 169 -20.52 -31.55 -40.03
N ILE B 170 -19.22 -31.35 -39.85
CA ILE B 170 -18.19 -32.20 -40.45
C ILE B 170 -17.56 -33.03 -39.35
N GLU B 171 -17.44 -34.34 -39.58
CA GLU B 171 -17.01 -35.27 -38.54
C GLU B 171 -15.65 -34.90 -37.97
N ASP B 172 -15.56 -34.89 -36.64
CA ASP B 172 -14.35 -34.55 -35.90
C ASP B 172 -13.80 -33.18 -36.29
N CYS B 173 -14.63 -32.33 -36.87
CA CYS B 173 -14.25 -30.96 -37.20
C CYS B 173 -15.27 -29.94 -36.70
N LEU B 174 -16.56 -30.28 -36.74
CA LEU B 174 -17.60 -29.32 -36.41
C LEU B 174 -18.94 -30.05 -36.32
N HIS B 175 -19.77 -29.66 -35.36
CA HIS B 175 -21.16 -30.09 -35.25
C HIS B 175 -21.97 -28.98 -34.63
N ILE B 176 -22.96 -28.48 -35.38
CA ILE B 176 -23.77 -27.35 -34.94
C ILE B 176 -25.24 -27.72 -35.06
N GLU B 177 -26.06 -27.10 -34.22
CA GLU B 177 -27.51 -27.29 -34.25
C GLU B 177 -28.15 -25.97 -34.68
N PHE B 178 -28.59 -25.91 -35.93
CA PHE B 178 -29.30 -24.75 -36.45
C PHE B 178 -30.79 -24.98 -36.35
N GLU B 179 -31.51 -23.98 -35.85
CA GLU B 179 -32.93 -24.10 -35.59
C GLU B 179 -33.65 -22.96 -36.29
N TYR B 180 -34.26 -23.25 -37.44
CA TYR B 180 -35.16 -22.31 -38.09
C TYR B 180 -36.54 -22.49 -37.47
N ASN B 181 -37.04 -21.44 -36.82
CA ASN B 181 -38.30 -21.54 -36.10
C ASN B 181 -39.48 -21.84 -37.03
N LYS B 182 -39.36 -21.51 -38.31
CA LYS B 182 -40.45 -21.72 -39.25
C LYS B 182 -39.91 -22.25 -40.56
N SER B 183 -40.80 -22.77 -41.40
CA SER B 183 -40.39 -23.41 -42.64
C SER B 183 -41.09 -22.80 -43.86
N LYS B 184 -42.26 -22.22 -43.64
CA LYS B 184 -43.02 -21.55 -44.69
C LYS B 184 -43.24 -20.10 -44.26
N TYR B 185 -42.30 -19.22 -44.61
CA TYR B 185 -42.36 -17.81 -44.26
C TYR B 185 -43.08 -17.02 -45.35
N HIS B 186 -43.64 -15.88 -44.98
CA HIS B 186 -44.11 -14.93 -45.98
C HIS B 186 -43.08 -13.85 -46.22
N LEU B 187 -43.26 -13.10 -47.31
CA LEU B 187 -42.17 -12.33 -47.90
C LEU B 187 -41.65 -11.22 -46.99
N LYS B 188 -42.39 -10.83 -45.96
CA LYS B 188 -41.92 -9.81 -45.02
C LYS B 188 -41.63 -10.38 -43.64
N ASP B 189 -41.31 -11.66 -43.54
CA ASP B 189 -41.04 -12.29 -42.27
C ASP B 189 -39.62 -11.99 -41.80
N VAL B 190 -39.28 -12.55 -40.62
CA VAL B 190 -37.97 -12.42 -40.02
C VAL B 190 -37.51 -13.82 -39.63
N ILE B 191 -36.31 -14.20 -40.05
CA ILE B 191 -35.77 -15.50 -39.69
C ILE B 191 -35.13 -15.39 -38.31
N VAL B 192 -35.82 -15.94 -37.31
CA VAL B 192 -35.32 -15.94 -35.93
C VAL B 192 -35.06 -17.39 -35.53
N GLY B 193 -33.88 -17.65 -34.99
CA GLY B 193 -33.51 -18.99 -34.62
C GLY B 193 -32.29 -19.01 -33.73
N LYS B 194 -31.51 -20.08 -33.84
CA LYS B 194 -30.26 -20.18 -33.10
C LYS B 194 -29.32 -21.16 -33.78
N ILE B 195 -28.02 -20.85 -33.68
CA ILE B 195 -26.95 -21.77 -34.05
C ILE B 195 -26.31 -22.26 -32.76
N TYR B 196 -26.30 -23.58 -32.57
CA TYR B 196 -25.95 -24.18 -31.28
C TYR B 196 -24.74 -25.08 -31.49
N PHE B 197 -23.56 -24.59 -31.11
CA PHE B 197 -22.30 -25.32 -31.27
C PHE B 197 -22.25 -26.50 -30.31
N LEU B 198 -21.84 -27.65 -30.84
CA LEU B 198 -21.51 -28.82 -30.03
C LEU B 198 -20.08 -29.31 -30.26
N LEU B 199 -19.37 -28.77 -31.25
CA LEU B 199 -18.00 -29.20 -31.52
C LEU B 199 -17.34 -28.14 -32.39
N VAL B 200 -16.17 -27.66 -31.98
CA VAL B 200 -15.37 -26.71 -32.77
C VAL B 200 -13.91 -27.12 -32.68
N ARG B 201 -13.38 -27.68 -33.77
CA ARG B 201 -11.97 -28.02 -33.88
C ARG B 201 -11.29 -27.39 -35.09
N ILE B 202 -11.93 -26.40 -35.72
CA ILE B 202 -11.39 -25.79 -36.93
C ILE B 202 -11.20 -24.30 -36.69
N LYS B 203 -10.16 -23.75 -37.31
CA LYS B 203 -9.85 -22.33 -37.23
C LYS B 203 -10.84 -21.53 -38.08
N ILE B 204 -12.09 -21.53 -37.61
CA ILE B 204 -13.16 -20.89 -38.36
C ILE B 204 -12.90 -19.39 -38.49
N GLN B 205 -13.17 -18.85 -39.68
CA GLN B 205 -13.00 -17.43 -39.90
C GLN B 205 -14.32 -16.67 -39.77
N HIS B 206 -15.42 -17.25 -40.26
CA HIS B 206 -16.74 -16.69 -39.98
C HIS B 206 -17.86 -17.69 -40.28
N MET B 207 -19.10 -17.28 -40.01
CA MET B 207 -20.29 -17.97 -40.49
C MET B 207 -21.17 -16.98 -41.23
N GLU B 208 -21.62 -17.37 -42.42
CA GLU B 208 -22.51 -16.56 -43.24
C GLU B 208 -23.66 -17.42 -43.71
N LEU B 209 -24.86 -16.82 -43.75
CA LEU B 209 -26.06 -17.48 -44.22
C LEU B 209 -26.49 -16.82 -45.52
N GLN B 210 -26.59 -17.60 -46.58
CA GLN B 210 -26.91 -17.10 -47.90
C GLN B 210 -28.31 -17.52 -48.31
N LEU B 211 -29.17 -16.54 -48.55
CA LEU B 211 -30.50 -16.79 -49.12
C LEU B 211 -30.36 -16.92 -50.63
N ILE B 212 -30.46 -18.14 -51.14
CA ILE B 212 -30.14 -18.44 -52.53
C ILE B 212 -31.36 -19.05 -53.21
N LYS B 213 -31.67 -18.55 -54.40
CA LYS B 213 -32.79 -19.01 -55.21
C LYS B 213 -32.31 -19.93 -56.31
N LYS B 214 -33.07 -20.99 -56.56
CA LYS B 214 -32.85 -21.87 -57.71
C LYS B 214 -34.08 -21.76 -58.62
N GLU B 215 -33.89 -21.15 -59.79
CA GLU B 215 -34.95 -20.95 -60.78
C GLU B 215 -34.90 -22.12 -61.76
N ILE B 216 -35.64 -23.17 -61.47
CA ILE B 216 -35.77 -24.31 -62.38
C ILE B 216 -36.68 -23.91 -63.52
N THR B 217 -36.18 -23.99 -64.75
CA THR B 217 -36.90 -23.53 -65.92
C THR B 217 -37.05 -24.67 -66.93
N GLY B 218 -38.22 -24.74 -67.56
CA GLY B 218 -38.48 -25.73 -68.58
C GLY B 218 -39.36 -26.86 -68.09
N ILE B 219 -39.54 -27.84 -68.97
CA ILE B 219 -40.42 -28.98 -68.73
C ILE B 219 -39.57 -30.25 -68.70
N GLY B 220 -39.64 -30.98 -67.60
CA GLY B 220 -38.99 -32.26 -67.48
C GLY B 220 -37.49 -32.20 -67.64
N PRO B 221 -36.95 -32.99 -68.58
CA PRO B 221 -35.50 -33.01 -68.79
C PRO B 221 -34.92 -31.65 -69.14
N SER B 222 -35.67 -30.79 -69.83
CA SER B 222 -35.22 -29.45 -70.16
C SER B 222 -35.25 -28.62 -68.88
N THR B 223 -34.25 -28.84 -68.03
CA THR B 223 -34.18 -28.21 -66.72
C THR B 223 -33.04 -27.19 -66.75
N THR B 224 -33.41 -25.91 -66.71
CA THR B 224 -32.46 -24.80 -66.68
C THR B 224 -32.59 -24.14 -65.31
N THR B 225 -31.81 -24.63 -64.35
CA THR B 225 -31.88 -24.16 -62.96
C THR B 225 -30.79 -23.11 -62.76
N GLU B 226 -31.12 -21.85 -63.06
CA GLU B 226 -30.23 -20.75 -62.74
C GLU B 226 -30.26 -20.48 -61.25
N THR B 227 -29.09 -20.32 -60.66
CA THR B 227 -28.93 -20.20 -59.21
C THR B 227 -28.19 -18.92 -58.87
N GLU B 228 -28.82 -18.08 -58.05
CA GLU B 228 -28.25 -16.80 -57.66
C GLU B 228 -28.41 -16.61 -56.15
N THR B 229 -27.43 -15.94 -55.55
CA THR B 229 -27.47 -15.58 -54.14
C THR B 229 -27.89 -14.12 -54.00
N ILE B 230 -29.17 -13.90 -53.74
CA ILE B 230 -29.64 -12.53 -53.54
C ILE B 230 -29.07 -11.95 -52.25
N ALA B 231 -28.92 -12.78 -51.22
CA ALA B 231 -28.48 -12.31 -49.90
C ALA B 231 -27.29 -13.14 -49.42
N LYS B 232 -26.36 -12.46 -48.75
CA LYS B 232 -25.28 -13.10 -48.00
C LYS B 232 -25.30 -12.44 -46.63
N TYR B 233 -26.14 -12.96 -45.74
CA TYR B 233 -26.37 -12.36 -44.43
C TYR B 233 -25.28 -12.78 -43.47
N GLU B 234 -24.76 -11.81 -42.71
CA GLU B 234 -23.67 -12.04 -41.78
C GLU B 234 -24.22 -12.16 -40.37
N ILE B 235 -23.78 -13.18 -39.64
CA ILE B 235 -24.19 -13.34 -38.25
C ILE B 235 -22.98 -13.48 -37.33
N MET B 236 -21.92 -14.12 -37.83
CA MET B 236 -20.78 -14.56 -37.02
C MET B 236 -19.45 -14.29 -37.71
N ASP B 237 -18.39 -14.42 -36.91
CA ASP B 237 -17.01 -14.20 -37.30
C ASP B 237 -16.11 -14.96 -36.34
N GLY B 238 -14.96 -15.42 -36.84
CA GLY B 238 -13.97 -16.06 -36.01
C GLY B 238 -14.32 -17.50 -35.65
N ALA B 239 -13.41 -18.11 -34.88
CA ALA B 239 -13.52 -19.50 -34.49
C ALA B 239 -14.06 -19.61 -33.06
N PRO B 240 -15.28 -20.13 -32.89
CA PRO B 240 -15.87 -20.20 -31.55
C PRO B 240 -15.36 -21.35 -30.70
N VAL B 241 -15.96 -21.54 -29.54
CA VAL B 241 -15.62 -22.63 -28.63
C VAL B 241 -16.89 -23.35 -28.21
N LYS B 242 -16.75 -24.36 -27.36
CA LYS B 242 -17.90 -25.11 -26.85
C LYS B 242 -18.69 -24.26 -25.86
N GLY B 243 -20.01 -24.29 -25.99
CA GLY B 243 -20.88 -23.58 -25.07
C GLY B 243 -21.30 -22.19 -25.51
N GLU B 244 -21.40 -21.94 -26.81
CA GLU B 244 -21.79 -20.64 -27.33
C GLU B 244 -23.11 -20.76 -28.09
N SER B 245 -24.06 -19.90 -27.78
CA SER B 245 -25.38 -19.90 -28.40
C SER B 245 -25.54 -18.65 -29.28
N ILE B 246 -26.02 -18.86 -30.50
CA ILE B 246 -26.05 -17.84 -31.54
C ILE B 246 -27.47 -17.68 -32.04
N PRO B 247 -28.24 -16.76 -31.47
CA PRO B 247 -29.51 -16.39 -32.11
C PRO B 247 -29.26 -15.73 -33.45
N ILE B 248 -30.17 -15.98 -34.40
CA ILE B 248 -30.12 -15.36 -35.72
C ILE B 248 -31.30 -14.41 -35.86
N ARG B 249 -31.05 -13.21 -36.36
CA ARG B 249 -32.10 -12.22 -36.58
C ARG B 249 -31.87 -11.57 -37.94
N LEU B 250 -32.71 -11.90 -38.91
CA LEU B 250 -32.58 -11.40 -40.28
C LEU B 250 -33.95 -10.94 -40.78
N PHE B 251 -34.06 -9.65 -41.09
CA PHE B 251 -35.23 -9.13 -41.78
C PHE B 251 -35.07 -9.32 -43.27
N LEU B 252 -35.91 -10.16 -43.86
CA LEU B 252 -35.87 -10.40 -45.30
C LEU B 252 -36.55 -9.32 -46.12
N ALA B 253 -36.96 -8.21 -45.47
CA ALA B 253 -37.64 -7.14 -46.20
C ALA B 253 -36.73 -6.52 -47.25
N GLY B 254 -35.46 -6.33 -46.93
CA GLY B 254 -34.54 -5.67 -47.84
C GLY B 254 -34.01 -6.56 -48.94
N TYR B 255 -34.79 -7.59 -49.32
CA TYR B 255 -34.38 -8.51 -50.37
C TYR B 255 -35.28 -8.49 -51.59
N ASP B 256 -36.47 -7.91 -51.49
CA ASP B 256 -37.49 -7.91 -52.55
C ASP B 256 -37.73 -9.33 -53.04
N PRO B 257 -38.26 -10.22 -52.19
CA PRO B 257 -38.41 -11.62 -52.58
C PRO B 257 -39.74 -11.90 -53.28
N THR B 258 -39.76 -13.05 -53.96
CA THR B 258 -40.89 -13.60 -54.69
C THR B 258 -41.40 -14.86 -54.02
N PRO B 259 -42.71 -15.11 -54.02
CA PRO B 259 -43.22 -16.33 -53.39
C PRO B 259 -42.63 -17.59 -54.00
N THR B 260 -42.38 -18.58 -53.14
CA THR B 260 -41.94 -19.90 -53.59
C THR B 260 -43.05 -20.54 -54.42
N MET B 261 -42.85 -20.60 -55.73
CA MET B 261 -43.88 -21.10 -56.63
C MET B 261 -43.53 -22.53 -57.04
N ARG B 262 -44.43 -23.47 -56.71
CA ARG B 262 -44.18 -24.90 -56.89
C ARG B 262 -44.63 -25.32 -58.27
N ASP B 263 -43.67 -25.33 -59.21
CA ASP B 263 -43.88 -25.88 -60.55
C ASP B 263 -45.06 -25.20 -61.27
N VAL B 264 -44.90 -23.91 -61.54
CA VAL B 264 -45.96 -23.15 -62.19
C VAL B 264 -46.19 -23.70 -63.58
N ASN B 265 -47.40 -24.23 -63.81
CA ASN B 265 -47.81 -24.77 -65.11
C ASN B 265 -46.91 -25.91 -65.58
N LYS B 266 -46.14 -26.49 -64.66
CA LYS B 266 -45.17 -27.54 -64.97
C LYS B 266 -44.21 -27.05 -66.07
N LYS B 267 -43.80 -25.79 -65.96
CA LYS B 267 -42.83 -25.22 -66.87
C LYS B 267 -41.73 -24.43 -66.18
N PHE B 268 -41.92 -24.01 -64.94
CA PHE B 268 -40.86 -23.41 -64.14
C PHE B 268 -41.28 -23.43 -62.68
N SER B 269 -40.28 -23.47 -61.80
CA SER B 269 -40.51 -23.46 -60.37
C SER B 269 -39.57 -22.47 -59.70
N VAL B 270 -39.99 -21.98 -58.54
CA VAL B 270 -39.22 -21.02 -57.75
C VAL B 270 -39.08 -21.58 -56.34
N ARG B 271 -37.84 -21.88 -55.95
CA ARG B 271 -37.57 -22.39 -54.61
C ARG B 271 -36.43 -21.60 -53.99
N TYR B 272 -36.52 -21.40 -52.67
CA TYR B 272 -35.54 -20.63 -51.92
C TYR B 272 -34.89 -21.53 -50.88
N PHE B 273 -33.56 -21.45 -50.80
CA PHE B 273 -32.78 -22.31 -49.91
C PHE B 273 -31.93 -21.42 -49.02
N LEU B 274 -31.86 -21.74 -47.73
CA LEU B 274 -30.84 -21.16 -46.86
C LEU B 274 -29.60 -22.04 -46.88
N ASN B 275 -28.44 -21.43 -47.06
CA ASN B 275 -27.17 -22.13 -47.15
C ASN B 275 -26.27 -21.66 -46.01
N LEU B 276 -26.09 -22.52 -45.01
CA LEU B 276 -25.19 -22.23 -43.90
C LEU B 276 -23.76 -22.41 -44.38
N VAL B 277 -23.08 -21.29 -44.67
CA VAL B 277 -21.74 -21.31 -45.25
C VAL B 277 -20.74 -20.99 -44.15
N LEU B 278 -19.79 -21.88 -43.94
CA LEU B 278 -18.81 -21.76 -42.87
C LEU B 278 -17.41 -21.77 -43.44
N VAL B 279 -16.63 -20.75 -43.10
CA VAL B 279 -15.32 -20.52 -43.68
C VAL B 279 -14.27 -20.46 -42.58
N ASP B 280 -13.18 -21.20 -42.77
CA ASP B 280 -12.06 -21.19 -41.85
C ASP B 280 -10.98 -20.21 -42.34
N GLU B 281 -9.89 -20.12 -41.57
CA GLU B 281 -8.80 -19.22 -41.94
C GLU B 281 -8.06 -19.69 -43.19
N GLU B 282 -8.21 -20.96 -43.59
CA GLU B 282 -7.52 -21.46 -44.77
C GLU B 282 -8.41 -21.35 -46.01
N ASP B 283 -9.61 -20.75 -45.85
CA ASP B 283 -10.50 -20.30 -46.92
C ASP B 283 -11.31 -21.41 -47.58
N ARG B 284 -11.56 -22.52 -46.88
CA ARG B 284 -12.55 -23.47 -47.36
C ARG B 284 -13.96 -23.00 -46.98
N ARG B 285 -14.95 -23.56 -47.66
CA ARG B 285 -16.34 -23.24 -47.43
C ARG B 285 -17.14 -24.52 -47.19
N TYR B 286 -17.92 -24.53 -46.11
CA TYR B 286 -18.78 -25.66 -45.78
C TYR B 286 -20.23 -25.19 -45.84
N PHE B 287 -21.05 -25.89 -46.61
CA PHE B 287 -22.41 -25.45 -46.90
C PHE B 287 -23.41 -26.54 -46.54
N LYS B 288 -24.60 -26.11 -46.13
CA LYS B 288 -25.71 -27.00 -45.85
C LYS B 288 -26.97 -26.40 -46.46
N GLN B 289 -27.77 -27.22 -47.12
CA GLN B 289 -28.93 -26.77 -47.89
C GLN B 289 -30.23 -27.12 -47.16
N GLN B 290 -31.11 -26.13 -47.03
CA GLN B 290 -32.41 -26.32 -46.39
C GLN B 290 -33.46 -25.50 -47.13
N GLU B 291 -34.48 -26.18 -47.66
CA GLU B 291 -35.56 -25.50 -48.36
C GLU B 291 -36.48 -24.75 -47.40
N ILE B 292 -36.93 -23.58 -47.84
CA ILE B 292 -38.01 -22.83 -47.21
C ILE B 292 -39.00 -22.38 -48.29
N ILE B 293 -40.28 -22.39 -47.93
CA ILE B 293 -41.34 -21.91 -48.80
C ILE B 293 -41.61 -20.46 -48.46
N LEU B 294 -41.61 -19.60 -49.48
CA LEU B 294 -42.05 -18.23 -49.35
C LEU B 294 -43.33 -18.01 -50.14
N TRP B 295 -44.08 -17.00 -49.72
CA TRP B 295 -45.40 -16.71 -50.26
C TRP B 295 -45.81 -15.33 -49.80
N ARG B 296 -46.26 -14.50 -50.72
CA ARG B 296 -46.76 -13.19 -50.35
C ARG B 296 -48.04 -13.34 -49.53
N LYS B 297 -48.26 -12.40 -48.61
CA LYS B 297 -49.29 -12.63 -47.60
C LYS B 297 -50.50 -11.71 -47.79
N ALA B 298 -50.31 -10.40 -47.67
CA ALA B 298 -51.44 -9.49 -47.74
C ALA B 298 -51.01 -8.03 -47.71
N PRO B 299 -51.61 -7.17 -48.52
CA PRO B 299 -51.65 -5.75 -48.16
C PRO B 299 -52.67 -5.53 -47.06
N GLU B 300 -52.22 -5.35 -45.82
CA GLU B 300 -53.11 -5.38 -44.67
C GLU B 300 -52.75 -4.26 -43.71
N LYS B 301 -53.74 -3.88 -42.89
CA LYS B 301 -53.55 -2.88 -41.83
C LYS B 301 -52.67 -3.51 -40.76
N LEU B 302 -51.44 -3.01 -40.66
CA LEU B 302 -50.42 -3.66 -39.85
C LEU B 302 -50.61 -3.33 -38.37
N ARG B 303 -51.09 -4.32 -37.62
CA ARG B 303 -51.20 -4.27 -36.17
C ARG B 303 -51.66 -5.63 -35.68
N LYS B 304 -51.55 -5.87 -34.37
CA LYS B 304 -52.15 -7.04 -33.72
C LYS B 304 -51.48 -8.34 -34.17
N GLN B 305 -51.56 -9.38 -33.34
CA GLN B 305 -50.95 -10.67 -33.68
C GLN B 305 -51.59 -11.77 -32.86
N ARG B 306 -51.95 -12.88 -33.50
CA ARG B 306 -52.52 -14.03 -32.80
C ARG B 306 -51.42 -14.91 -32.22
N LEU C 2 28.90 32.56 27.69
CA LEU C 2 28.17 31.65 28.57
C LEU C 2 28.98 30.38 28.82
N VAL C 3 29.41 30.18 30.06
CA VAL C 3 30.19 29.00 30.44
C VAL C 3 29.41 28.24 31.51
N LEU C 4 29.54 26.92 31.50
CA LEU C 4 28.81 26.04 32.40
C LEU C 4 29.76 25.43 33.42
N VAL C 5 29.26 25.21 34.63
CA VAL C 5 30.04 24.60 35.70
C VAL C 5 29.19 23.55 36.40
N LEU C 6 29.77 22.38 36.63
CA LEU C 6 29.11 21.30 37.35
C LEU C 6 30.18 20.35 37.87
N GLY C 7 29.76 19.35 38.63
CA GLY C 7 30.72 18.36 39.11
C GLY C 7 30.08 17.35 40.02
N ASP C 8 30.92 16.43 40.50
CA ASP C 8 30.52 15.33 41.36
C ASP C 8 29.27 14.63 40.83
N LEU C 9 29.36 14.09 39.61
CA LEU C 9 28.22 13.48 38.93
C LEU C 9 27.92 12.07 39.38
N HIS C 10 28.87 11.15 39.23
CA HIS C 10 28.68 9.74 39.59
C HIS C 10 27.48 9.16 38.83
N ILE C 11 27.52 9.29 37.51
CA ILE C 11 26.38 8.94 36.67
C ILE C 11 26.06 7.45 36.83
N PRO C 12 27.04 6.53 36.77
CA PRO C 12 26.73 5.13 37.07
C PRO C 12 26.71 4.85 38.56
N HIS C 13 27.51 5.61 39.31
CA HIS C 13 27.88 5.23 40.67
C HIS C 13 26.74 5.42 41.67
N ARG C 14 26.31 6.68 41.86
CA ARG C 14 25.43 7.00 42.98
C ARG C 14 24.00 7.31 42.59
N CYS C 15 23.74 7.72 41.35
CA CYS C 15 22.37 7.90 40.88
C CYS C 15 22.23 7.23 39.53
N ASN C 16 21.08 7.43 38.90
CA ASN C 16 20.84 6.90 37.56
C ASN C 16 21.39 7.82 36.48
N SER C 17 21.03 9.11 36.53
CA SER C 17 21.52 10.11 35.60
C SER C 17 21.26 11.47 36.21
N LEU C 18 21.59 12.51 35.44
CA LEU C 18 21.26 13.86 35.85
C LEU C 18 19.74 13.99 35.98
N PRO C 19 19.26 14.80 36.93
CA PRO C 19 17.80 14.93 37.09
C PRO C 19 17.17 15.49 35.83
N ALA C 20 15.94 15.06 35.59
CA ALA C 20 15.31 15.31 34.29
C ALA C 20 15.19 16.81 34.04
N LYS C 21 14.83 17.59 35.06
CA LYS C 21 14.65 19.02 34.89
C LYS C 21 15.96 19.74 34.59
N PHE C 22 17.08 19.25 35.13
CA PHE C 22 18.37 19.78 34.72
C PHE C 22 18.69 19.43 33.28
N LYS C 23 18.19 18.28 32.80
CA LYS C 23 18.53 17.87 31.44
C LYS C 23 17.57 18.42 30.39
N LYS C 24 16.55 19.19 30.80
CA LYS C 24 15.83 20.01 29.83
C LYS C 24 16.35 21.45 29.82
N LEU C 25 16.82 21.94 30.98
CA LEU C 25 17.41 23.27 31.02
C LEU C 25 18.69 23.31 30.16
N LEU C 26 19.49 22.26 30.23
CA LEU C 26 20.70 22.17 29.42
C LEU C 26 20.34 21.67 28.03
N VAL C 27 20.33 22.57 27.05
CA VAL C 27 20.06 22.21 25.66
C VAL C 27 21.18 22.77 24.79
N PRO C 28 21.58 22.07 23.73
CA PRO C 28 22.69 22.54 22.92
C PRO C 28 22.38 23.85 22.20
N GLY C 29 23.42 24.65 22.02
CA GLY C 29 23.31 25.87 21.23
C GLY C 29 23.51 27.17 22.00
N LYS C 30 22.96 27.25 23.21
CA LYS C 30 22.98 28.51 23.94
C LYS C 30 24.31 28.73 24.67
N ILE C 31 24.91 27.68 25.18
CA ILE C 31 26.13 27.81 26.00
C ILE C 31 27.35 27.65 25.11
N GLN C 32 28.33 28.56 25.26
CA GLN C 32 29.49 28.56 24.40
C GLN C 32 30.67 27.78 24.98
N HIS C 33 30.81 27.71 26.30
CA HIS C 33 31.89 26.94 26.91
C HIS C 33 31.32 26.08 28.02
N ILE C 34 31.99 24.97 28.30
CA ILE C 34 31.57 24.01 29.32
C ILE C 34 32.73 23.74 30.25
N LEU C 35 32.44 23.72 31.56
CA LEU C 35 33.43 23.37 32.57
C LEU C 35 32.79 22.37 33.53
N CYS C 36 33.58 21.42 34.02
CA CYS C 36 33.11 20.39 34.93
C CYS C 36 34.12 20.19 36.06
N THR C 37 33.63 19.73 37.21
CA THR C 37 34.49 19.52 38.36
C THR C 37 35.02 18.09 38.42
N GLY C 38 34.19 17.11 38.10
CA GLY C 38 34.66 15.74 37.98
C GLY C 38 33.61 14.74 38.42
N ASN C 39 34.09 13.56 38.77
CA ASN C 39 33.26 12.41 39.14
C ASN C 39 32.25 12.06 38.05
N LEU C 40 32.72 12.05 36.79
CA LEU C 40 31.89 11.58 35.70
C LEU C 40 31.55 10.10 35.87
N CYS C 41 32.56 9.29 36.18
CA CYS C 41 32.48 7.85 36.46
C CYS C 41 32.08 7.04 35.23
N THR C 42 31.78 7.69 34.09
CA THR C 42 31.48 7.02 32.84
C THR C 42 31.47 8.07 31.73
N LYS C 43 31.88 7.63 30.54
CA LYS C 43 31.85 8.47 29.34
C LYS C 43 30.47 9.04 29.06
N GLU C 44 29.42 8.54 29.70
CA GLU C 44 28.06 9.01 29.45
C GLU C 44 27.96 10.52 29.63
N SER C 45 28.28 11.01 30.82
CA SER C 45 28.20 12.45 31.07
C SER C 45 29.18 13.22 30.21
N TYR C 46 30.39 12.70 30.02
CA TYR C 46 31.37 13.36 29.17
C TYR C 46 30.86 13.44 27.73
N ASP C 47 30.26 12.37 27.23
CA ASP C 47 29.65 12.41 25.91
C ASP C 47 28.37 13.25 25.91
N TYR C 48 27.61 13.23 27.01
CA TYR C 48 26.43 14.09 27.10
C TYR C 48 26.85 15.56 27.11
N LEU C 49 27.94 15.89 27.79
CA LEU C 49 28.50 17.23 27.73
C LEU C 49 28.97 17.56 26.31
N LYS C 50 29.44 16.55 25.58
CA LYS C 50 29.79 16.74 24.17
C LYS C 50 28.56 17.11 23.35
N THR C 51 27.43 16.46 23.62
CA THR C 51 26.19 16.81 22.95
C THR C 51 25.77 18.24 23.26
N LEU C 52 25.94 18.68 24.50
CA LEU C 52 25.55 20.02 24.91
C LEU C 52 26.36 21.11 24.21
N ALA C 53 27.69 21.01 24.24
CA ALA C 53 28.56 21.98 23.56
C ALA C 53 29.90 21.30 23.29
N GLY C 54 30.83 22.08 22.76
CA GLY C 54 32.12 21.54 22.37
C GLY C 54 33.29 22.06 23.19
N ASP C 55 33.20 23.31 23.66
CA ASP C 55 34.24 23.90 24.48
C ASP C 55 34.11 23.34 25.90
N VAL C 56 34.51 22.09 26.05
CA VAL C 56 34.36 21.35 27.29
C VAL C 56 35.73 20.99 27.82
N HIS C 57 35.96 21.26 29.11
CA HIS C 57 37.24 20.97 29.74
C HIS C 57 36.98 20.29 31.07
N ILE C 58 37.68 19.18 31.31
CA ILE C 58 37.36 18.29 32.42
C ILE C 58 38.61 18.05 33.25
N VAL C 59 38.43 18.00 34.57
CA VAL C 59 39.47 17.58 35.49
C VAL C 59 38.97 16.34 36.24
N ARG C 60 39.92 15.54 36.73
CA ARG C 60 39.55 14.22 37.32
C ARG C 60 39.00 14.33 38.75
N GLY C 61 37.86 13.66 39.00
CA GLY C 61 37.31 13.58 40.33
C GLY C 61 38.10 12.61 41.18
N ASP C 62 37.47 12.15 42.25
CA ASP C 62 38.04 11.08 43.06
C ASP C 62 37.80 9.71 42.45
N PHE C 63 36.87 9.60 41.50
CA PHE C 63 36.38 8.30 41.10
C PHE C 63 36.36 8.07 39.59
N ASP C 64 36.84 9.01 38.78
CA ASP C 64 36.95 8.79 37.35
C ASP C 64 38.07 7.79 37.07
N GLU C 65 38.02 7.18 35.89
CA GLU C 65 38.85 6.01 35.59
C GLU C 65 39.96 6.30 34.59
N ASN C 66 39.63 6.81 33.41
CA ASN C 66 40.62 6.95 32.35
C ASN C 66 41.66 8.00 32.72
N LEU C 67 42.90 7.77 32.29
CA LEU C 67 44.04 8.57 32.71
C LEU C 67 44.35 9.73 31.78
N ASN C 68 43.66 9.84 30.64
CA ASN C 68 43.99 10.90 29.69
C ASN C 68 43.45 12.25 30.12
N TYR C 69 42.49 12.28 31.04
CA TYR C 69 41.97 13.54 31.54
C TYR C 69 43.03 14.24 32.40
N PRO C 70 43.15 15.55 32.32
CA PRO C 70 44.13 16.25 33.17
C PRO C 70 43.65 16.40 34.60
N GLU C 71 44.61 16.32 35.52
CA GLU C 71 44.28 16.49 36.94
C GLU C 71 43.77 17.89 37.24
N GLN C 72 44.44 18.91 36.69
CA GLN C 72 43.99 20.29 36.82
C GLN C 72 44.18 20.98 35.49
N LYS C 73 43.47 22.08 35.31
CA LYS C 73 43.57 22.87 34.08
C LYS C 73 43.36 24.33 34.43
N VAL C 74 43.99 25.20 33.63
CA VAL C 74 43.85 26.64 33.76
C VAL C 74 43.40 27.21 32.43
N VAL C 75 42.75 28.36 32.47
CA VAL C 75 42.28 29.04 31.27
C VAL C 75 42.23 30.53 31.54
N THR C 76 42.67 31.33 30.57
CA THR C 76 42.59 32.78 30.62
C THR C 76 41.70 33.20 29.45
N VAL C 77 40.40 33.21 29.67
CA VAL C 77 39.42 33.54 28.62
C VAL C 77 39.11 35.03 28.69
N GLY C 78 39.60 35.76 27.69
CA GLY C 78 39.32 37.17 27.56
C GLY C 78 40.00 38.04 28.60
N GLN C 79 39.54 37.97 29.84
CA GLN C 79 40.06 38.83 30.91
C GLN C 79 40.35 38.06 32.20
N PHE C 80 39.68 36.94 32.43
CA PHE C 80 39.72 36.24 33.70
C PHE C 80 40.69 35.07 33.68
N LYS C 81 41.26 34.77 34.83
CA LYS C 81 42.09 33.58 35.03
C LYS C 81 41.31 32.58 35.87
N ILE C 82 41.14 31.37 35.35
CA ILE C 82 40.27 30.36 35.93
C ILE C 82 41.06 29.09 36.21
N GLY C 83 40.93 28.57 37.44
CA GLY C 83 41.50 27.31 37.82
C GLY C 83 40.45 26.21 37.88
N LEU C 84 40.89 24.98 37.66
CA LEU C 84 40.00 23.82 37.56
C LEU C 84 40.59 22.67 38.37
N ILE C 85 39.91 22.28 39.45
CA ILE C 85 40.26 21.08 40.21
C ILE C 85 38.97 20.35 40.57
N HIS C 86 39.12 19.23 41.27
CA HIS C 86 37.96 18.58 41.88
C HIS C 86 37.77 18.99 43.32
N GLY C 87 38.76 18.72 44.17
CA GLY C 87 38.67 19.09 45.57
C GLY C 87 39.03 18.01 46.57
N HIS C 88 39.31 16.80 46.08
CA HIS C 88 39.69 15.73 47.01
C HIS C 88 41.06 15.94 47.62
N GLN C 89 41.93 16.72 46.97
CA GLN C 89 43.24 17.06 47.50
C GLN C 89 43.18 18.21 48.50
N VAL C 90 42.31 18.09 49.51
CA VAL C 90 42.14 19.18 50.50
C VAL C 90 42.16 18.60 51.92
N ILE C 91 42.90 19.22 52.84
CA ILE C 91 42.88 18.78 54.26
C ILE C 91 41.42 18.81 54.73
N PRO C 92 41.02 18.18 55.86
CA PRO C 92 39.61 18.08 56.27
C PRO C 92 38.73 18.82 55.26
N TRP C 93 38.48 18.20 54.10
CA TRP C 93 37.74 18.86 53.03
C TRP C 93 36.69 19.85 53.53
N GLY C 94 36.80 21.11 53.08
CA GLY C 94 35.89 22.14 53.51
C GLY C 94 36.57 23.25 54.28
N ASP C 95 37.89 23.13 54.48
CA ASP C 95 38.62 24.13 55.26
C ASP C 95 38.69 25.45 54.49
N MET C 96 38.45 26.54 55.20
CA MET C 96 38.44 27.86 54.57
C MET C 96 39.86 28.34 54.28
N ALA C 97 40.80 28.05 55.19
CA ALA C 97 42.16 28.55 55.01
C ALA C 97 42.88 27.85 53.87
N SER C 98 42.67 26.53 53.71
CA SER C 98 43.38 25.78 52.68
C SER C 98 42.98 26.23 51.29
N LEU C 99 41.69 26.46 51.05
CA LEU C 99 41.25 26.85 49.72
C LEU C 99 41.72 28.25 49.35
N ALA C 100 41.77 29.16 50.34
CA ALA C 100 42.37 30.46 50.10
C ALA C 100 43.83 30.33 49.68
N LEU C 101 44.48 29.25 50.12
CA LEU C 101 45.86 28.99 49.74
C LEU C 101 45.97 28.50 48.30
N LEU C 102 44.96 27.77 47.83
CA LEU C 102 45.08 27.11 46.53
C LEU C 102 45.20 28.13 45.39
N GLN C 103 44.37 29.18 45.42
CA GLN C 103 44.56 30.29 44.51
C GLN C 103 45.91 30.96 44.75
N ARG C 104 46.29 31.09 46.02
CA ARG C 104 47.55 31.75 46.36
C ARG C 104 48.73 31.01 45.72
N GLN C 105 48.58 29.71 45.49
CA GLN C 105 49.58 28.95 44.76
C GLN C 105 49.55 29.30 43.28
N PHE C 106 48.38 29.20 42.65
CA PHE C 106 48.27 29.29 41.20
C PHE C 106 48.03 30.70 40.69
N ASP C 107 47.74 31.66 41.58
CA ASP C 107 47.63 33.07 41.22
C ASP C 107 46.57 33.32 40.15
N VAL C 108 45.56 32.46 40.11
CA VAL C 108 44.44 32.61 39.20
C VAL C 108 43.47 33.63 39.78
N ASP C 109 42.52 34.07 38.97
CA ASP C 109 41.44 34.91 39.48
C ASP C 109 40.22 34.09 39.88
N ILE C 110 40.11 32.86 39.39
CA ILE C 110 38.89 32.06 39.52
C ILE C 110 39.28 30.61 39.77
N LEU C 111 38.59 29.97 40.71
CA LEU C 111 38.76 28.54 40.97
C LEU C 111 37.45 27.79 41.01
N ILE C 112 37.53 26.52 40.61
CA ILE C 112 36.46 25.54 40.64
C ILE C 112 36.94 24.38 41.50
N SER C 113 36.13 23.97 42.45
CA SER C 113 36.49 22.84 43.32
C SER C 113 35.21 22.09 43.69
N GLY C 114 35.30 21.25 44.71
CA GLY C 114 34.19 20.41 45.12
C GLY C 114 34.61 19.19 45.92
N HIS C 115 34.12 18.02 45.49
CA HIS C 115 34.39 16.72 46.14
C HIS C 115 33.63 16.57 47.44
N THR C 116 32.97 17.62 47.89
CA THR C 116 32.13 17.55 49.08
C THR C 116 30.67 17.27 48.74
N HIS C 117 30.31 17.28 47.45
CA HIS C 117 28.98 17.01 46.94
C HIS C 117 27.94 18.02 47.43
N LYS C 118 28.36 19.03 48.18
CA LYS C 118 27.47 20.10 48.64
C LYS C 118 27.95 21.41 48.02
N PHE C 119 27.01 22.21 47.54
CA PHE C 119 27.36 23.41 46.79
C PHE C 119 27.95 24.49 47.70
N GLU C 120 29.03 25.10 47.25
CA GLU C 120 29.63 26.25 47.93
C GLU C 120 30.16 27.22 46.88
N ALA C 121 30.20 28.49 47.26
CA ALA C 121 30.76 29.53 46.39
C ALA C 121 31.00 30.81 47.17
N PHE C 122 32.22 31.35 47.11
CA PHE C 122 32.51 32.59 47.82
C PHE C 122 33.69 33.29 47.17
N GLU C 123 33.75 34.60 47.39
CA GLU C 123 34.85 35.44 46.94
C GLU C 123 35.65 35.91 48.14
N HIS C 124 36.96 35.78 48.07
CA HIS C 124 37.80 36.06 49.23
C HIS C 124 39.21 36.35 48.75
N GLU C 125 39.97 37.08 49.57
CA GLU C 125 41.30 37.61 49.21
C GLU C 125 41.35 38.13 47.78
N ASN C 126 40.30 38.87 47.40
CA ASN C 126 40.12 39.45 46.07
C ASN C 126 40.01 38.39 44.99
N LYS C 127 39.70 37.15 45.34
CA LYS C 127 39.58 36.05 44.40
C LYS C 127 38.29 35.32 44.71
N PHE C 128 37.80 34.52 43.76
CA PHE C 128 36.48 33.92 43.90
C PHE C 128 36.48 32.45 43.51
N TYR C 129 35.77 31.65 44.30
CA TYR C 129 35.89 30.20 44.27
C TYR C 129 34.53 29.61 43.94
N ILE C 130 34.53 28.39 43.39
CA ILE C 130 33.27 27.69 43.11
C ILE C 130 33.38 26.25 43.58
N ASN C 131 32.34 25.81 44.27
CA ASN C 131 32.11 24.42 44.63
C ASN C 131 30.72 24.02 44.15
N PRO C 132 30.56 23.61 42.89
CA PRO C 132 29.22 23.29 42.38
C PRO C 132 28.59 22.11 43.11
N GLY C 133 29.40 21.37 43.87
CA GLY C 133 28.89 20.21 44.57
C GLY C 133 28.60 19.08 43.61
N SER C 134 27.56 18.32 43.91
CA SER C 134 27.10 17.21 43.07
C SER C 134 25.94 17.71 42.22
N ALA C 135 26.06 17.55 40.90
CA ALA C 135 24.97 17.91 40.01
C ALA C 135 23.98 16.76 39.80
N THR C 136 24.24 15.60 40.40
CA THR C 136 23.30 14.50 40.38
C THR C 136 22.81 14.11 41.77
N GLY C 137 23.13 14.89 42.79
CA GLY C 137 22.81 14.49 44.15
C GLY C 137 23.52 13.23 44.58
N ALA C 138 24.74 13.03 44.09
CA ALA C 138 25.49 11.82 44.41
C ALA C 138 25.85 11.80 45.89
N TYR C 139 25.55 10.67 46.54
CA TYR C 139 25.72 10.53 47.99
C TYR C 139 27.13 10.89 48.43
N ASN C 140 27.28 11.39 49.65
CA ASN C 140 28.59 11.61 50.22
C ASN C 140 28.60 11.05 51.64
N ALA C 141 29.76 10.53 52.06
CA ALA C 141 29.87 9.95 53.38
C ALA C 141 29.72 11.01 54.47
N LEU C 142 30.38 12.15 54.30
CA LEU C 142 30.40 13.16 55.36
C LEU C 142 29.03 13.80 55.56
N GLU C 143 28.33 14.11 54.47
CA GLU C 143 27.02 14.75 54.53
C GLU C 143 25.98 13.79 53.94
N THR C 144 24.94 13.50 54.72
CA THR C 144 23.95 12.50 54.36
C THR C 144 23.20 12.85 53.08
N ASN C 145 22.42 13.93 53.12
CA ASN C 145 21.58 14.32 51.99
C ASN C 145 22.40 15.13 51.00
N ILE C 146 22.26 14.81 49.72
CA ILE C 146 22.97 15.51 48.65
C ILE C 146 21.97 16.05 47.64
N ILE C 147 22.15 17.29 47.24
CA ILE C 147 21.25 17.99 46.34
C ILE C 147 21.96 18.21 45.01
N PRO C 148 21.41 17.76 43.89
CA PRO C 148 21.99 18.08 42.58
C PRO C 148 21.99 19.57 42.32
N SER C 149 23.08 20.05 41.71
CA SER C 149 23.24 21.48 41.46
C SER C 149 24.27 21.69 40.38
N PHE C 150 23.98 22.57 39.43
CA PHE C 150 24.89 22.90 38.34
C PHE C 150 24.91 24.42 38.12
N VAL C 151 26.02 24.90 37.56
CA VAL C 151 26.33 26.33 37.54
C VAL C 151 26.57 26.76 36.11
N LEU C 152 26.02 27.92 35.75
CA LEU C 152 26.35 28.55 34.47
C LEU C 152 26.72 30.00 34.71
N MET C 153 27.60 30.52 33.85
CA MET C 153 28.31 31.77 34.10
C MET C 153 28.45 32.53 32.78
N ASP C 154 28.34 33.86 32.87
CA ASP C 154 28.43 34.74 31.70
C ASP C 154 29.54 35.76 31.93
N ILE C 155 30.55 35.74 31.05
CA ILE C 155 31.71 36.61 31.16
C ILE C 155 31.69 37.60 30.00
N GLN C 156 31.58 38.89 30.30
CA GLN C 156 31.62 39.91 29.26
C GLN C 156 32.96 40.65 29.22
N ALA C 157 33.33 41.31 30.31
CA ALA C 157 34.61 42.00 30.44
C ALA C 157 34.87 42.38 31.89
N SER C 158 35.94 41.85 32.48
CA SER C 158 36.25 42.04 33.90
C SER C 158 35.03 41.80 34.78
N THR C 159 34.08 40.99 34.30
CA THR C 159 32.80 40.85 34.95
C THR C 159 32.16 39.54 34.52
N VAL C 160 31.85 38.67 35.48
CA VAL C 160 31.19 37.41 35.20
C VAL C 160 29.93 37.31 36.03
N VAL C 161 28.83 37.00 35.40
CA VAL C 161 27.58 36.69 36.10
C VAL C 161 27.60 35.20 36.40
N THR C 162 26.91 34.79 37.47
CA THR C 162 26.82 33.38 37.80
C THR C 162 25.35 33.00 37.91
N TYR C 163 25.02 31.79 37.46
CA TYR C 163 23.69 31.22 37.64
C TYR C 163 23.87 29.77 38.07
N VAL C 164 23.50 29.47 39.32
CA VAL C 164 23.53 28.11 39.85
C VAL C 164 22.10 27.66 40.15
N TYR C 165 21.75 26.49 39.66
CA TYR C 165 20.43 25.91 39.85
C TYR C 165 20.57 24.73 40.81
N GLN C 166 19.84 24.77 41.92
CA GLN C 166 19.90 23.71 42.91
C GLN C 166 18.60 22.91 42.92
N LEU C 167 18.66 21.67 43.41
CA LEU C 167 17.50 20.77 43.46
C LEU C 167 17.01 20.64 44.90
N ILE C 168 16.14 21.55 45.31
CA ILE C 168 15.37 21.41 46.55
C ILE C 168 13.95 21.02 46.18
N GLY C 169 13.49 19.92 46.78
CA GLY C 169 12.16 19.40 46.47
C GLY C 169 12.12 18.84 45.06
N ASP C 170 11.13 19.27 44.28
CA ASP C 170 10.97 18.83 42.90
C ASP C 170 10.99 20.00 41.92
N ASP C 171 11.62 21.12 42.28
CA ASP C 171 11.68 22.29 41.43
C ASP C 171 13.09 22.86 41.36
N VAL C 172 13.30 23.75 40.38
CA VAL C 172 14.57 24.44 40.19
C VAL C 172 14.54 25.72 41.02
N LYS C 173 15.37 25.78 42.05
CA LYS C 173 15.59 26.99 42.83
C LYS C 173 16.97 27.54 42.51
N VAL C 174 17.05 28.84 42.25
CA VAL C 174 18.25 29.48 41.72
C VAL C 174 18.71 30.57 42.69
N GLU C 175 20.01 30.63 42.94
CA GLU C 175 20.63 31.74 43.63
C GLU C 175 21.71 32.37 42.76
N ARG C 176 21.77 33.70 42.77
CA ARG C 176 22.55 34.46 41.81
C ARG C 176 23.66 35.22 42.52
N ILE C 177 24.87 35.13 41.99
CA ILE C 177 26.05 35.78 42.55
C ILE C 177 26.84 36.43 41.42
N GLU C 178 27.42 37.59 41.69
CA GLU C 178 28.18 38.34 40.71
C GLU C 178 29.63 38.49 41.15
N TYR C 179 30.54 38.58 40.18
CA TYR C 179 31.94 38.84 40.43
C TYR C 179 32.49 39.89 39.46
N LYS C 180 33.45 40.66 39.97
CA LYS C 180 34.13 41.72 39.24
C LYS C 180 35.63 41.46 39.33
N LYS C 181 36.31 41.44 38.20
CA LYS C 181 37.77 41.24 38.23
C LYS C 181 38.44 42.47 38.81
N SER C 182 39.32 42.25 39.79
CA SER C 182 40.05 43.35 40.41
C SER C 182 41.18 43.84 39.51
#